data_4U0R
#
_entry.id   4U0R
#
_cell.length_a   39.790
_cell.length_b   86.660
_cell.length_c   324.040
_cell.angle_alpha   90.00
_cell.angle_beta   90.00
_cell.angle_gamma   90.00
#
_symmetry.space_group_name_H-M   'P 21 21 21'
#
loop_
_entity.id
_entity.type
_entity.pdbx_description
1 polymer 'Reticulocyte binding protein 5'
2 polymer 'Monoclonal antibody 9AD4 heavy chain'
3 polymer 'Monoclonal antibody 9AD4 light chain'
4 water water
#
loop_
_entity_poly.entity_id
_entity_poly.type
_entity_poly.pdbx_seq_one_letter_code
_entity_poly.pdbx_strand_id
1 'polypeptide(L)'
;MIRIKKKLILTIIYIHLFILNRLSFENAIKKTKNQENNLTLLPIKSTEEEKDDIKNGKDIKKEIDNDKENIKTNNAKDHS
TYIKSYLNTNVNDGLKYLFIPSHNSFIKKYSVFNQINDGMLLNEKNDVKNNEDYKNVDYKNVNFLQYHFKELSNYNIANS
IDILQEKEGHLDFVIIPHYTFLDYYKHLSYNSIYHKSSTYGKYIAVDAFIKKINEAYDKVKSKCNDIKNDLIATIKKLEH
PYDINNKNDDSYRYDISEEIDDKSEETDDETEEVEDSIQDTDSNHTPSNKKKNDLMNRTFKKMMDEYNTKKKKLIKCIKN
HENDFNKICMDMKNYGTNLFEQLSCYNNNFCNTNGIRYHYDEYIHKLILSVKSKNLNKDLSDMTNILQQSELLLTNLNKK
MGSYIYIDTIKFIHKEMKHIFNRIEYHTKIINDKTKIIQDKIKLNIWRTFQKDELLKRILDMSNEYSLFITSDHLRQMLY
NTFYSKEKHLNNIFHHLIYVLQMKFNDVPIKMEYFQTYKKNKPLTQ
;
A
2 'polypeptide(L)'
;MGWSWIFLFLLSGTAGVHSEVKLVESGGGVVQPGGSRKLSCAASGFTFSDYGMAWVRQAPGKGPEWVTFISNMAYSIYYA
DTVTGRFTISRENAKNTLHLEMSSLRSEDTAMYYCTRAIFDYAGYWYFDVWGAGTTVTVSSAKTTAPSVYPLAPVCGDTT
GSSVTLGCLVKGYFPEPVTLTWNSGSLSSGVHTFPAVLQSDLYTLSSSVTVTSSTWPSQSITCNVAHPASSTKVDKKIEP
RGPTIKPCPPCKCPAPNS
;
B
3 'polypeptide(L)'
;MVSTPQFLVFLLFWIPASRGDIVLTQSPASLAVSLGQRATISCRASESVEYYGTSLMQWFQQKPGQPPRLLIHGASNVQS
GVPARFSGSGSGTDFSLNIHPVEEDDFAMYFCQQSTKVPWTFGGGTKLEIKRADAAPTVSIFPPSSEQLTSGGASVVCFL
NNFYPKDINVKWKIDGSERQNGVLNSWTDQDSKDSTYSMSSTLTLTKDEYERHNSYTCEATHKTSTSPIVKSFNRNEC
;
C
#
# COMPACT_ATOMS: atom_id res chain seq x y z
N SER A 160 1.17 -4.13 -33.42
CA SER A 160 0.40 -4.13 -34.66
C SER A 160 -1.04 -4.66 -34.47
N ILE A 161 -2.01 -4.02 -35.17
CA ILE A 161 -3.45 -4.30 -35.12
C ILE A 161 -3.89 -5.17 -36.30
N ASP A 162 -4.80 -6.12 -36.03
CA ASP A 162 -5.39 -6.99 -37.03
C ASP A 162 -6.91 -6.83 -36.89
N ILE A 163 -7.59 -6.48 -37.99
CA ILE A 163 -9.04 -6.26 -38.03
C ILE A 163 -9.69 -7.55 -38.57
N LEU A 164 -10.67 -8.08 -37.83
CA LEU A 164 -11.32 -9.35 -38.17
C LEU A 164 -12.84 -9.24 -38.31
N GLN A 165 -13.38 -9.83 -39.41
CA GLN A 165 -14.79 -9.87 -39.78
C GLN A 165 -15.19 -11.35 -39.95
N GLU A 166 -15.38 -12.06 -38.82
CA GLU A 166 -15.66 -13.50 -38.77
C GLU A 166 -17.04 -13.94 -39.29
N LYS A 167 -18.08 -13.14 -39.03
CA LYS A 167 -19.47 -13.37 -39.46
C LYS A 167 -20.00 -12.09 -40.12
N GLU A 168 -21.10 -12.17 -40.89
CA GLU A 168 -21.69 -11.00 -41.53
C GLU A 168 -22.27 -10.04 -40.46
N GLY A 169 -21.89 -8.78 -40.56
CA GLY A 169 -22.32 -7.74 -39.62
C GLY A 169 -21.46 -7.60 -38.37
N HIS A 170 -20.51 -8.53 -38.13
CA HIS A 170 -19.62 -8.52 -36.96
C HIS A 170 -18.17 -8.13 -37.33
N LEU A 171 -17.53 -7.26 -36.52
CA LEU A 171 -16.18 -6.74 -36.75
C LEU A 171 -15.44 -6.52 -35.43
N ASP A 172 -14.28 -7.16 -35.25
CA ASP A 172 -13.45 -7.00 -34.06
C ASP A 172 -11.98 -6.84 -34.42
N PHE A 173 -11.16 -6.35 -33.49
CA PHE A 173 -9.73 -6.15 -33.69
C PHE A 173 -8.93 -6.83 -32.58
N VAL A 174 -7.63 -7.08 -32.83
CA VAL A 174 -6.71 -7.66 -31.85
C VAL A 174 -5.42 -6.85 -31.89
N ILE A 175 -4.87 -6.53 -30.71
CA ILE A 175 -3.56 -5.90 -30.59
C ILE A 175 -2.66 -7.10 -30.34
N ILE A 176 -2.00 -7.57 -31.41
CA ILE A 176 -1.14 -8.76 -31.43
C ILE A 176 -0.12 -8.76 -30.29
N PRO A 177 0.70 -7.70 -30.08
CA PRO A 177 1.64 -7.74 -28.94
C PRO A 177 0.95 -7.93 -27.60
N HIS A 178 -0.24 -7.29 -27.40
CA HIS A 178 -1.01 -7.35 -26.15
C HIS A 178 -1.53 -8.72 -25.88
N TYR A 179 -2.00 -9.42 -26.93
CA TYR A 179 -2.51 -10.77 -26.81
C TYR A 179 -1.40 -11.72 -26.37
N THR A 180 -0.20 -11.59 -26.97
CA THR A 180 0.97 -12.39 -26.66
C THR A 180 1.45 -12.12 -25.23
N PHE A 181 1.51 -10.84 -24.84
CA PHE A 181 1.94 -10.36 -23.51
C PHE A 181 1.01 -10.91 -22.43
N LEU A 182 -0.32 -10.71 -22.57
CA LEU A 182 -1.34 -11.17 -21.63
C LEU A 182 -1.31 -12.70 -21.44
N ASP A 183 -1.13 -13.43 -22.54
CA ASP A 183 -1.03 -14.90 -22.54
C ASP A 183 0.25 -15.42 -21.89
N TYR A 184 1.39 -14.76 -22.13
CA TYR A 184 2.68 -15.12 -21.54
C TYR A 184 2.54 -15.10 -20.00
N TYR A 185 1.94 -14.04 -19.44
CA TYR A 185 1.76 -13.92 -17.99
C TYR A 185 0.75 -14.91 -17.36
N LYS A 186 -0.19 -15.41 -18.17
CA LYS A 186 -1.18 -16.43 -17.82
C LYS A 186 -0.44 -17.77 -17.54
N HIS A 187 0.50 -18.15 -18.43
CA HIS A 187 1.33 -19.34 -18.32
C HIS A 187 2.28 -19.30 -17.12
N LEU A 188 2.88 -18.11 -16.84
CA LEU A 188 3.76 -17.91 -15.68
C LEU A 188 3.00 -18.21 -14.39
N SER A 189 1.79 -17.59 -14.26
CA SER A 189 0.85 -17.73 -13.15
C SER A 189 0.49 -19.20 -12.88
N TYR A 190 0.21 -19.96 -13.95
CA TYR A 190 -0.16 -21.36 -13.85
C TYR A 190 1.00 -22.28 -13.55
N ASN A 191 2.17 -22.07 -14.21
CA ASN A 191 3.39 -22.84 -13.94
C ASN A 191 3.81 -22.71 -12.47
N SER A 192 3.56 -21.50 -11.89
CA SER A 192 3.85 -21.12 -10.53
C SER A 192 3.02 -21.86 -9.49
N ILE A 193 1.71 -22.00 -9.73
CA ILE A 193 0.82 -22.66 -8.77
C ILE A 193 0.78 -24.18 -8.89
N TYR A 194 1.16 -24.72 -10.05
CA TYR A 194 1.15 -26.16 -10.30
C TYR A 194 2.41 -26.89 -9.88
N HIS A 195 3.50 -26.13 -9.61
CA HIS A 195 4.80 -26.66 -9.18
C HIS A 195 4.71 -27.47 -7.92
N LYS A 196 3.91 -26.99 -6.95
CA LYS A 196 3.67 -27.64 -5.66
C LYS A 196 2.22 -28.10 -5.55
N SER A 197 2.00 -29.26 -4.89
CA SER A 197 0.68 -29.84 -4.62
C SER A 197 -0.12 -28.95 -3.64
N SER A 198 0.59 -28.25 -2.73
CA SER A 198 -0.02 -27.35 -1.76
C SER A 198 -0.62 -26.08 -2.40
N THR A 199 -0.16 -25.69 -3.62
CA THR A 199 -0.64 -24.49 -4.34
C THR A 199 -1.64 -24.74 -5.47
N TYR A 200 -1.95 -26.02 -5.76
CA TYR A 200 -2.87 -26.41 -6.83
C TYR A 200 -4.24 -25.71 -6.69
N GLY A 201 -4.82 -25.78 -5.48
CA GLY A 201 -6.10 -25.18 -5.12
C GLY A 201 -6.22 -23.69 -5.35
N LYS A 202 -5.14 -23.04 -5.82
CA LYS A 202 -5.09 -21.62 -6.13
C LYS A 202 -5.54 -21.36 -7.57
N TYR A 203 -5.88 -22.45 -8.32
CA TYR A 203 -6.39 -22.34 -9.69
C TYR A 203 -7.66 -21.48 -9.74
N ILE A 204 -8.56 -21.60 -8.72
CA ILE A 204 -9.81 -20.83 -8.57
C ILE A 204 -9.51 -19.31 -8.55
N ALA A 205 -8.53 -18.90 -7.70
CA ALA A 205 -8.08 -17.51 -7.54
C ALA A 205 -7.36 -16.95 -8.78
N VAL A 206 -6.55 -17.78 -9.46
CA VAL A 206 -5.82 -17.38 -10.68
C VAL A 206 -6.81 -17.25 -11.86
N ASP A 207 -7.74 -18.23 -12.04
CA ASP A 207 -8.75 -18.21 -13.12
C ASP A 207 -9.59 -16.95 -12.99
N ALA A 208 -9.92 -16.57 -11.74
CA ALA A 208 -10.70 -15.38 -11.43
C ALA A 208 -9.98 -14.08 -11.77
N PHE A 209 -8.69 -13.94 -11.41
CA PHE A 209 -7.92 -12.72 -11.71
C PHE A 209 -7.71 -12.51 -13.21
N ILE A 210 -7.32 -13.58 -13.93
CA ILE A 210 -7.13 -13.57 -15.39
C ILE A 210 -8.46 -13.17 -16.08
N LYS A 211 -9.61 -13.72 -15.59
CA LYS A 211 -10.97 -13.42 -16.09
C LYS A 211 -11.31 -11.95 -15.89
N LYS A 212 -10.96 -11.37 -14.71
CA LYS A 212 -11.19 -9.96 -14.39
C LYS A 212 -10.39 -9.03 -15.30
N ILE A 213 -9.18 -9.48 -15.74
CA ILE A 213 -8.28 -8.73 -16.64
C ILE A 213 -8.75 -8.74 -18.10
N ASN A 214 -9.20 -9.92 -18.60
CA ASN A 214 -9.74 -10.09 -19.96
C ASN A 214 -11.02 -9.25 -20.12
N GLU A 215 -11.94 -9.35 -19.14
CA GLU A 215 -13.20 -8.61 -19.09
C GLU A 215 -12.94 -7.10 -18.98
N ALA A 216 -11.83 -6.69 -18.33
CA ALA A 216 -11.44 -5.28 -18.20
C ALA A 216 -10.89 -4.79 -19.51
N TYR A 217 -10.07 -5.64 -20.19
CA TYR A 217 -9.48 -5.33 -21.49
C TYR A 217 -10.62 -5.19 -22.52
N ASP A 218 -11.60 -6.13 -22.50
CA ASP A 218 -12.79 -6.14 -23.34
C ASP A 218 -13.67 -4.90 -23.09
N LYS A 219 -13.71 -4.38 -21.85
CA LYS A 219 -14.45 -3.17 -21.47
C LYS A 219 -13.79 -1.92 -22.10
N VAL A 220 -12.46 -1.97 -22.35
CA VAL A 220 -11.72 -0.87 -22.97
C VAL A 220 -11.98 -0.89 -24.49
N LYS A 221 -12.13 -2.09 -25.10
CA LYS A 221 -12.45 -2.19 -26.54
C LYS A 221 -13.93 -1.95 -26.77
N SER A 222 -14.80 -2.26 -25.78
CA SER A 222 -16.25 -2.06 -25.88
C SER A 222 -16.59 -0.56 -25.84
N LYS A 223 -15.60 0.28 -25.50
CA LYS A 223 -15.72 1.74 -25.46
C LYS A 223 -15.19 2.38 -26.78
N CYS A 224 -15.09 1.55 -27.82
CA CYS A 224 -14.68 1.86 -29.20
C CYS A 224 -15.84 1.52 -30.16
N ASN A 225 -16.82 0.74 -29.66
CA ASN A 225 -18.01 0.23 -30.33
C ASN A 225 -18.77 1.21 -31.24
N ASP A 226 -18.72 2.52 -30.95
CA ASP A 226 -19.41 3.53 -31.78
C ASP A 226 -18.78 3.63 -33.17
N ILE A 227 -17.46 3.92 -33.22
CA ILE A 227 -16.63 4.08 -34.42
C ILE A 227 -16.51 2.76 -35.22
N LYS A 228 -16.53 1.62 -34.52
CA LYS A 228 -16.47 0.26 -35.07
C LYS A 228 -17.76 -0.05 -35.83
N ASN A 229 -18.94 0.31 -35.27
CA ASN A 229 -20.25 0.12 -35.88
C ASN A 229 -20.44 1.03 -37.12
N ASP A 230 -19.77 2.21 -37.10
CA ASP A 230 -19.75 3.20 -38.18
C ASP A 230 -18.94 2.65 -39.37
N LEU A 231 -17.91 1.83 -39.07
CA LEU A 231 -17.07 1.18 -40.08
C LEU A 231 -17.83 -0.01 -40.69
N ILE A 232 -18.63 -0.72 -39.84
CA ILE A 232 -19.47 -1.88 -40.23
C ILE A 232 -20.48 -1.47 -41.33
N ALA A 233 -21.14 -0.31 -41.16
CA ALA A 233 -22.13 0.30 -42.07
C ALA A 233 -21.51 0.67 -43.42
N THR A 234 -20.23 1.11 -43.42
CA THR A 234 -19.45 1.46 -44.60
C THR A 234 -19.09 0.18 -45.39
N ILE A 235 -18.70 -0.90 -44.65
CA ILE A 235 -18.37 -2.24 -45.17
C ILE A 235 -19.67 -2.86 -45.77
N LYS A 236 -20.83 -2.66 -45.08
CA LYS A 236 -22.17 -3.10 -45.49
C LYS A 236 -22.49 -2.58 -46.90
N LYS A 237 -22.19 -1.28 -47.15
CA LYS A 237 -22.41 -0.62 -48.44
C LYS A 237 -21.46 -1.17 -49.52
N LEU A 238 -20.18 -1.40 -49.15
CA LEU A 238 -19.12 -1.91 -50.03
C LEU A 238 -19.35 -3.34 -50.50
N GLU A 239 -19.63 -4.25 -49.54
CA GLU A 239 -19.84 -5.69 -49.76
C GLU A 239 -21.10 -6.01 -50.55
N HIS A 240 -22.15 -5.18 -50.42
CA HIS A 240 -23.43 -5.40 -51.10
C HIS A 240 -23.82 -4.21 -52.03
N PRO A 241 -23.21 -4.08 -53.23
CA PRO A 241 -23.59 -2.96 -54.12
C PRO A 241 -24.94 -3.14 -54.82
N TYR A 242 -25.44 -4.39 -54.90
CA TYR A 242 -26.71 -4.79 -55.53
C TYR A 242 -27.95 -4.52 -54.66
N PHE A 300 -17.53 3.19 -56.64
CA PHE A 300 -16.57 2.57 -55.73
C PHE A 300 -15.48 3.56 -55.32
N LYS A 301 -15.44 4.70 -56.01
CA LYS A 301 -14.45 5.73 -55.72
C LYS A 301 -14.68 6.35 -54.35
N LYS A 302 -15.84 6.99 -54.18
CA LYS A 302 -16.20 7.62 -52.92
C LYS A 302 -16.40 6.57 -51.82
N MET A 303 -16.76 5.36 -52.23
CA MET A 303 -16.99 4.27 -51.28
C MET A 303 -15.66 3.71 -50.75
N MET A 304 -14.65 3.65 -51.63
CA MET A 304 -13.27 3.21 -51.39
C MET A 304 -12.58 4.22 -50.43
N ASP A 305 -12.80 5.54 -50.64
CA ASP A 305 -12.25 6.63 -49.82
C ASP A 305 -12.98 6.70 -48.48
N GLU A 306 -14.29 6.36 -48.48
CA GLU A 306 -15.17 6.34 -47.30
C GLU A 306 -14.65 5.28 -46.34
N TYR A 307 -14.39 4.07 -46.87
CA TYR A 307 -13.87 2.91 -46.15
C TYR A 307 -12.53 3.19 -45.46
N ASN A 308 -11.56 3.79 -46.19
CA ASN A 308 -10.23 4.12 -45.69
C ASN A 308 -10.20 5.15 -44.55
N THR A 309 -11.12 6.15 -44.57
CA THR A 309 -11.20 7.18 -43.53
C THR A 309 -11.79 6.60 -42.25
N LYS A 310 -12.88 5.80 -42.36
CA LYS A 310 -13.54 5.14 -41.23
C LYS A 310 -12.59 4.12 -40.57
N LYS A 311 -11.72 3.48 -41.38
CA LYS A 311 -10.70 2.50 -40.97
C LYS A 311 -9.59 3.23 -40.20
N LYS A 312 -9.12 4.39 -40.73
CA LYS A 312 -8.09 5.24 -40.11
C LYS A 312 -8.62 5.89 -38.83
N LYS A 313 -9.95 6.15 -38.75
CA LYS A 313 -10.63 6.73 -37.60
C LYS A 313 -10.70 5.73 -36.45
N LEU A 314 -10.88 4.42 -36.78
CA LEU A 314 -10.93 3.30 -35.83
C LEU A 314 -9.53 3.06 -35.28
N ILE A 315 -8.51 3.04 -36.17
CA ILE A 315 -7.10 2.85 -35.82
C ILE A 315 -6.67 3.99 -34.88
N LYS A 316 -7.14 5.22 -35.16
CA LYS A 316 -6.88 6.39 -34.33
C LYS A 316 -7.53 6.25 -32.95
N CYS A 317 -8.70 5.58 -32.87
CA CYS A 317 -9.42 5.37 -31.61
C CYS A 317 -8.70 4.38 -30.70
N ILE A 318 -8.09 3.34 -31.31
CA ILE A 318 -7.32 2.31 -30.61
C ILE A 318 -6.04 2.93 -30.01
N LYS A 319 -5.38 3.86 -30.75
CA LYS A 319 -4.18 4.58 -30.29
C LYS A 319 -4.50 5.50 -29.13
N ASN A 320 -5.71 6.08 -29.11
CA ASN A 320 -6.14 7.01 -28.07
C ASN A 320 -6.46 6.31 -26.75
N HIS A 321 -6.80 5.01 -26.80
CA HIS A 321 -7.08 4.20 -25.62
C HIS A 321 -5.87 3.34 -25.22
N GLU A 322 -4.66 3.62 -25.79
CA GLU A 322 -3.39 2.92 -25.52
C GLU A 322 -3.06 2.86 -24.02
N ASN A 323 -3.12 4.04 -23.34
CA ASN A 323 -2.85 4.17 -21.90
C ASN A 323 -3.74 3.22 -21.08
N ASP A 324 -5.02 3.10 -21.48
CA ASP A 324 -6.05 2.25 -20.85
C ASP A 324 -5.75 0.74 -21.05
N PHE A 325 -5.23 0.36 -22.24
CA PHE A 325 -4.88 -1.01 -22.58
C PHE A 325 -3.60 -1.42 -21.87
N ASN A 326 -2.57 -0.53 -21.94
CA ASN A 326 -1.25 -0.70 -21.34
C ASN A 326 -1.30 -0.95 -19.85
N LYS A 327 -2.19 -0.30 -19.13
CA LYS A 327 -2.27 -0.50 -17.71
C LYS A 327 -2.77 -1.87 -17.30
N ILE A 328 -3.77 -2.38 -17.98
CA ILE A 328 -4.28 -3.74 -17.77
C ILE A 328 -3.18 -4.76 -18.04
N CYS A 329 -2.40 -4.55 -19.11
CA CYS A 329 -1.28 -5.41 -19.47
C CYS A 329 -0.26 -5.34 -18.35
N MET A 330 0.11 -4.12 -17.92
CA MET A 330 1.03 -3.91 -16.81
C MET A 330 0.55 -4.54 -15.50
N ASP A 331 -0.79 -4.50 -15.24
CA ASP A 331 -1.43 -5.13 -14.07
C ASP A 331 -1.29 -6.67 -14.13
N MET A 332 -1.35 -7.25 -15.33
CA MET A 332 -1.23 -8.70 -15.57
C MET A 332 0.24 -9.14 -15.44
N LYS A 333 1.20 -8.29 -15.89
CA LYS A 333 2.63 -8.57 -15.76
C LYS A 333 2.96 -8.61 -14.25
N ASN A 334 2.48 -7.61 -13.49
CA ASN A 334 2.71 -7.51 -12.04
C ASN A 334 2.18 -8.73 -11.33
N TYR A 335 0.98 -9.20 -11.68
CA TYR A 335 0.40 -10.38 -11.07
C TYR A 335 1.20 -11.66 -11.41
N GLY A 336 1.54 -11.82 -12.69
CA GLY A 336 2.26 -12.98 -13.21
C GLY A 336 3.67 -13.11 -12.66
N THR A 337 4.42 -11.99 -12.67
CA THR A 337 5.79 -11.96 -12.14
C THR A 337 5.80 -12.23 -10.65
N ASN A 338 4.79 -11.71 -9.91
CA ASN A 338 4.63 -11.91 -8.46
C ASN A 338 4.35 -13.37 -8.08
N LEU A 339 3.50 -14.08 -8.84
CA LEU A 339 3.23 -15.51 -8.59
C LEU A 339 4.50 -16.31 -8.86
N PHE A 340 5.14 -16.04 -10.01
CA PHE A 340 6.37 -16.69 -10.46
C PHE A 340 7.53 -16.49 -9.46
N GLU A 341 7.67 -15.28 -8.90
CA GLU A 341 8.69 -14.89 -7.92
C GLU A 341 8.58 -15.75 -6.65
N GLN A 342 7.33 -16.13 -6.30
CA GLN A 342 6.94 -16.94 -5.16
C GLN A 342 7.10 -18.44 -5.37
N LEU A 343 7.66 -18.85 -6.51
CA LEU A 343 7.91 -20.26 -6.85
C LEU A 343 9.06 -20.81 -5.99
N SER A 344 8.76 -21.74 -5.07
CA SER A 344 9.73 -22.37 -4.17
C SER A 344 9.83 -23.89 -4.33
N CYS A 345 11.01 -24.43 -4.03
CA CYS A 345 11.32 -25.85 -4.10
C CYS A 345 11.70 -26.35 -2.71
N TYR A 346 11.51 -27.67 -2.48
CA TYR A 346 11.87 -28.31 -1.20
C TYR A 346 13.40 -28.37 -1.07
N ASN A 347 14.08 -28.61 -2.20
CA ASN A 347 15.53 -28.67 -2.34
C ASN A 347 15.81 -27.93 -3.62
N ASN A 348 16.47 -26.74 -3.50
CA ASN A 348 16.79 -25.85 -4.61
C ASN A 348 17.69 -26.44 -5.69
N ASN A 349 18.49 -27.47 -5.35
CA ASN A 349 19.36 -28.17 -6.31
C ASN A 349 18.60 -29.28 -7.04
N PHE A 350 17.42 -29.67 -6.53
CA PHE A 350 16.62 -30.74 -7.09
C PHE A 350 15.12 -30.38 -7.13
N CYS A 351 14.81 -29.35 -7.94
CA CYS A 351 13.46 -28.83 -8.17
C CYS A 351 12.61 -29.77 -9.01
N ASN A 352 11.41 -30.05 -8.55
CA ASN A 352 10.52 -30.90 -9.33
C ASN A 352 9.99 -30.21 -10.58
N THR A 353 9.55 -30.99 -11.58
CA THR A 353 9.06 -30.49 -12.88
C THR A 353 7.62 -30.94 -13.14
N ASN A 354 6.94 -31.36 -12.08
CA ASN A 354 5.55 -31.84 -12.13
C ASN A 354 4.58 -30.74 -12.56
N GLY A 355 4.89 -29.51 -12.17
CA GLY A 355 4.14 -28.33 -12.55
C GLY A 355 4.16 -28.09 -14.05
N ILE A 356 5.37 -28.14 -14.66
CA ILE A 356 5.60 -27.98 -16.11
C ILE A 356 4.83 -29.06 -16.84
N ARG A 357 4.93 -30.32 -16.37
CA ARG A 357 4.25 -31.49 -16.91
C ARG A 357 2.72 -31.34 -16.82
N TYR A 358 2.18 -30.94 -15.66
CA TYR A 358 0.73 -30.75 -15.48
C TYR A 358 0.24 -29.61 -16.35
N HIS A 359 0.92 -28.44 -16.32
CA HIS A 359 0.51 -27.29 -17.12
C HIS A 359 0.43 -27.60 -18.62
N TYR A 360 1.48 -28.27 -19.17
CA TYR A 360 1.52 -28.64 -20.58
C TYR A 360 0.31 -29.55 -20.93
N ASP A 361 0.11 -30.61 -20.15
CA ASP A 361 -0.98 -31.58 -20.36
C ASP A 361 -2.39 -30.96 -20.32
N GLU A 362 -2.59 -30.04 -19.41
CA GLU A 362 -3.88 -29.45 -19.23
C GLU A 362 -4.17 -28.14 -19.95
N TYR A 363 -3.17 -27.39 -20.34
CA TYR A 363 -3.42 -26.14 -21.07
C TYR A 363 -2.92 -26.11 -22.50
N ILE A 364 -1.86 -26.91 -22.81
CA ILE A 364 -1.17 -26.87 -24.10
C ILE A 364 -1.31 -28.12 -25.01
N HIS A 365 -1.26 -29.35 -24.45
CA HIS A 365 -1.29 -30.57 -25.25
C HIS A 365 -2.46 -30.75 -26.24
N LYS A 366 -3.70 -30.49 -25.79
CA LYS A 366 -4.93 -30.54 -26.60
C LYS A 366 -4.86 -29.59 -27.82
N LEU A 367 -4.10 -28.49 -27.72
CA LEU A 367 -3.89 -27.49 -28.78
C LEU A 367 -2.91 -27.98 -29.84
N ILE A 368 -1.90 -28.77 -29.44
CA ILE A 368 -0.91 -29.36 -30.35
C ILE A 368 -1.62 -30.43 -31.20
N LEU A 369 -2.50 -31.25 -30.57
CA LEU A 369 -3.31 -32.30 -31.21
C LEU A 369 -4.31 -31.66 -32.18
N SER A 370 -5.02 -30.58 -31.73
CA SER A 370 -5.99 -29.83 -32.53
C SER A 370 -5.36 -29.36 -33.85
N VAL A 371 -4.12 -28.84 -33.77
CA VAL A 371 -3.31 -28.37 -34.89
C VAL A 371 -2.90 -29.53 -35.80
N LYS A 372 -2.48 -30.67 -35.19
CA LYS A 372 -2.05 -31.88 -35.91
C LYS A 372 -3.22 -32.61 -36.60
N SER A 373 -4.45 -32.54 -36.03
CA SER A 373 -5.64 -33.18 -36.60
C SER A 373 -6.10 -32.41 -37.84
N LYS A 374 -5.91 -31.08 -37.82
CA LYS A 374 -6.22 -30.18 -38.93
C LYS A 374 -5.07 -30.23 -39.96
N ASN A 375 -5.36 -29.80 -41.19
CA ASN A 375 -4.34 -29.74 -42.24
C ASN A 375 -4.27 -28.29 -42.71
N LEU A 376 -3.35 -27.52 -42.14
CA LEU A 376 -3.19 -26.10 -42.46
C LEU A 376 -2.55 -25.83 -43.81
N ASN A 377 -1.71 -26.76 -44.31
CA ASN A 377 -1.04 -26.68 -45.62
C ASN A 377 -2.08 -26.78 -46.73
N LYS A 378 -3.09 -27.68 -46.54
CA LYS A 378 -4.23 -27.91 -47.42
C LYS A 378 -5.10 -26.64 -47.42
N ASP A 379 -5.31 -26.04 -46.22
CA ASP A 379 -6.08 -24.82 -46.05
C ASP A 379 -5.52 -23.66 -46.88
N LEU A 380 -4.17 -23.52 -46.96
CA LEU A 380 -3.50 -22.49 -47.77
C LEU A 380 -3.61 -22.82 -49.26
N SER A 381 -3.52 -24.11 -49.63
CA SER A 381 -3.69 -24.59 -51.02
C SER A 381 -5.12 -24.32 -51.48
N ASP A 382 -6.11 -24.57 -50.59
CA ASP A 382 -7.52 -24.35 -50.87
C ASP A 382 -7.88 -22.85 -50.91
N MET A 383 -7.07 -22.01 -50.26
CA MET A 383 -7.28 -20.56 -50.26
C MET A 383 -6.73 -19.94 -51.53
N THR A 384 -5.49 -20.35 -51.96
CA THR A 384 -4.88 -19.90 -53.21
C THR A 384 -5.78 -20.29 -54.38
N ASN A 385 -6.39 -21.50 -54.33
CA ASN A 385 -7.30 -22.03 -55.36
C ASN A 385 -8.51 -21.10 -55.57
N ILE A 386 -9.15 -20.65 -54.47
CA ILE A 386 -10.28 -19.71 -54.51
C ILE A 386 -9.80 -18.36 -55.10
N LEU A 387 -8.57 -17.92 -54.74
CA LEU A 387 -8.00 -16.67 -55.26
C LEU A 387 -7.73 -16.78 -56.76
N GLN A 388 -7.17 -17.90 -57.21
CA GLN A 388 -6.89 -18.22 -58.62
C GLN A 388 -8.16 -18.22 -59.46
N GLN A 389 -9.27 -18.77 -58.89
CA GLN A 389 -10.57 -18.87 -59.54
C GLN A 389 -11.21 -17.51 -59.81
N SER A 390 -11.17 -16.58 -58.82
CA SER A 390 -11.73 -15.24 -58.98
C SER A 390 -10.94 -14.40 -59.99
N GLU A 391 -9.60 -14.59 -60.05
CA GLU A 391 -8.71 -13.90 -61.01
C GLU A 391 -9.09 -14.33 -62.43
N LEU A 392 -9.35 -15.64 -62.62
CA LEU A 392 -9.74 -16.25 -63.89
C LEU A 392 -11.16 -15.83 -64.28
N LEU A 393 -12.10 -15.86 -63.32
CA LEU A 393 -13.49 -15.46 -63.53
C LEU A 393 -13.63 -13.98 -63.86
N LEU A 394 -12.71 -13.13 -63.38
CA LEU A 394 -12.73 -11.69 -63.68
C LEU A 394 -12.27 -11.46 -65.14
N THR A 395 -11.10 -12.05 -65.51
CA THR A 395 -10.49 -11.97 -66.85
C THR A 395 -11.37 -12.65 -67.90
N ASN A 396 -11.54 -13.99 -67.80
CA ASN A 396 -12.38 -14.80 -68.69
C ASN A 396 -13.86 -14.62 -68.29
N LEU A 397 -14.38 -13.42 -68.60
CA LEU A 397 -15.73 -12.93 -68.33
C LEU A 397 -15.93 -11.74 -69.27
N ASN A 398 -16.89 -11.87 -70.18
CA ASN A 398 -17.23 -10.88 -71.20
C ASN A 398 -17.57 -9.52 -70.57
N LYS A 399 -16.96 -8.42 -71.08
CA LYS A 399 -17.18 -7.03 -70.61
C LYS A 399 -18.66 -6.63 -70.82
N LYS A 400 -19.22 -5.84 -69.90
CA LYS A 400 -20.62 -5.40 -70.00
C LYS A 400 -20.78 -4.01 -69.35
N MET A 401 -21.66 -3.18 -69.93
CA MET A 401 -21.98 -1.83 -69.45
C MET A 401 -22.73 -1.91 -68.12
N GLY A 402 -22.38 -1.02 -67.20
CA GLY A 402 -23.00 -0.94 -65.87
C GLY A 402 -22.46 -1.94 -64.85
N SER A 403 -21.52 -2.79 -65.27
CA SER A 403 -20.89 -3.80 -64.42
C SER A 403 -19.70 -3.23 -63.61
N TYR A 404 -19.24 -2.00 -63.98
CA TYR A 404 -18.10 -1.28 -63.41
C TYR A 404 -18.08 -1.18 -61.89
N ILE A 405 -19.24 -0.89 -61.25
CA ILE A 405 -19.33 -0.80 -59.80
C ILE A 405 -19.02 -2.16 -59.13
N TYR A 406 -19.41 -3.25 -59.80
CA TYR A 406 -19.23 -4.63 -59.36
C TYR A 406 -17.82 -5.15 -59.60
N ILE A 407 -17.24 -4.87 -60.81
CA ILE A 407 -15.87 -5.25 -61.17
C ILE A 407 -14.86 -4.63 -60.20
N ASP A 408 -15.09 -3.35 -59.82
CA ASP A 408 -14.24 -2.62 -58.88
C ASP A 408 -14.33 -3.23 -57.47
N THR A 409 -15.54 -3.60 -57.00
CA THR A 409 -15.70 -4.23 -55.68
C THR A 409 -15.04 -5.60 -55.62
N ILE A 410 -15.14 -6.43 -56.70
CA ILE A 410 -14.51 -7.76 -56.79
C ILE A 410 -12.98 -7.62 -56.67
N LYS A 411 -12.36 -6.76 -57.51
CA LYS A 411 -10.93 -6.45 -57.53
C LYS A 411 -10.47 -5.96 -56.15
N PHE A 412 -11.33 -5.17 -55.44
CA PHE A 412 -11.08 -4.67 -54.09
C PHE A 412 -11.13 -5.79 -53.04
N ILE A 413 -12.23 -6.61 -53.05
CA ILE A 413 -12.44 -7.72 -52.12
C ILE A 413 -11.31 -8.74 -52.28
N HIS A 414 -10.93 -9.02 -53.54
CA HIS A 414 -9.84 -9.93 -53.89
C HIS A 414 -8.49 -9.49 -53.28
N LYS A 415 -8.23 -8.19 -53.27
CA LYS A 415 -6.99 -7.63 -52.70
C LYS A 415 -6.96 -7.79 -51.20
N GLU A 416 -8.04 -7.44 -50.55
CA GLU A 416 -8.20 -7.62 -49.10
C GLU A 416 -8.04 -9.12 -48.76
N MET A 417 -8.60 -10.02 -49.61
CA MET A 417 -8.51 -11.48 -49.45
C MET A 417 -7.07 -11.99 -49.60
N LYS A 418 -6.28 -11.39 -50.54
CA LYS A 418 -4.87 -11.74 -50.73
C LYS A 418 -4.04 -11.28 -49.53
N HIS A 419 -4.44 -10.16 -48.90
CA HIS A 419 -3.79 -9.61 -47.71
C HIS A 419 -4.07 -10.53 -46.53
N ILE A 420 -5.35 -10.96 -46.36
CA ILE A 420 -5.79 -11.92 -45.33
C ILE A 420 -5.03 -13.25 -45.52
N PHE A 421 -4.85 -13.71 -46.78
CA PHE A 421 -4.13 -14.94 -47.12
C PHE A 421 -2.69 -14.93 -46.61
N ASN A 422 -1.94 -13.84 -46.91
CA ASN A 422 -0.55 -13.60 -46.51
C ASN A 422 -0.38 -13.69 -45.00
N ARG A 423 -1.35 -13.13 -44.24
CA ARG A 423 -1.37 -13.15 -42.78
C ARG A 423 -1.55 -14.59 -42.30
N ILE A 424 -2.53 -15.35 -42.87
CA ILE A 424 -2.77 -16.77 -42.53
C ILE A 424 -1.49 -17.56 -42.81
N GLU A 425 -0.84 -17.31 -43.97
CA GLU A 425 0.41 -17.98 -44.35
C GLU A 425 1.52 -17.69 -43.33
N TYR A 426 1.65 -16.42 -42.89
CA TYR A 426 2.61 -15.95 -41.90
C TYR A 426 2.36 -16.64 -40.53
N HIS A 427 1.10 -16.69 -40.06
CA HIS A 427 0.73 -17.35 -38.82
C HIS A 427 0.89 -18.87 -38.85
N THR A 428 0.53 -19.56 -39.97
CA THR A 428 0.68 -21.03 -40.08
C THR A 428 2.14 -21.45 -39.96
N LYS A 429 3.07 -20.63 -40.48
CA LYS A 429 4.52 -20.83 -40.39
C LYS A 429 4.94 -20.83 -38.90
N ILE A 430 4.41 -19.90 -38.08
CA ILE A 430 4.69 -19.83 -36.65
C ILE A 430 4.09 -21.04 -35.94
N ILE A 431 2.85 -21.44 -36.28
CA ILE A 431 2.19 -22.61 -35.68
C ILE A 431 3.04 -23.88 -35.93
N ASN A 432 3.47 -24.12 -37.19
CA ASN A 432 4.31 -25.25 -37.59
C ASN A 432 5.68 -25.27 -36.90
N ASP A 433 6.36 -24.10 -36.84
CA ASP A 433 7.67 -23.95 -36.21
C ASP A 433 7.57 -24.21 -34.71
N LYS A 434 6.59 -23.55 -34.04
CA LYS A 434 6.33 -23.71 -32.60
C LYS A 434 5.83 -25.09 -32.20
N THR A 435 5.07 -25.81 -33.06
CA THR A 435 4.58 -27.16 -32.72
C THR A 435 5.70 -28.16 -32.56
N LYS A 436 6.73 -28.06 -33.37
CA LYS A 436 7.90 -28.93 -33.25
C LYS A 436 8.78 -28.54 -32.06
N ILE A 437 9.05 -27.26 -31.92
CA ILE A 437 9.86 -26.73 -30.82
C ILE A 437 9.25 -27.09 -29.47
N ILE A 438 7.92 -26.86 -29.29
CA ILE A 438 7.22 -27.21 -28.04
C ILE A 438 7.37 -28.70 -27.73
N GLN A 439 7.02 -29.58 -28.69
CA GLN A 439 7.08 -31.04 -28.54
C GLN A 439 8.47 -31.58 -28.22
N ASP A 440 9.53 -30.98 -28.83
CA ASP A 440 10.95 -31.32 -28.64
C ASP A 440 11.43 -30.88 -27.27
N LYS A 441 11.19 -29.58 -26.91
CA LYS A 441 11.58 -28.95 -25.64
C LYS A 441 10.93 -29.56 -24.40
N ILE A 442 9.60 -29.80 -24.45
CA ILE A 442 8.83 -30.40 -23.35
C ILE A 442 9.41 -31.74 -22.87
N LYS A 443 9.90 -32.59 -23.81
CA LYS A 443 10.60 -33.84 -23.54
C LYS A 443 11.85 -33.62 -22.64
N LEU A 444 12.53 -32.47 -22.78
CA LEU A 444 13.76 -32.15 -22.03
C LEU A 444 13.53 -31.52 -20.63
N ASN A 445 12.30 -31.06 -20.33
CA ASN A 445 11.96 -30.40 -19.05
C ASN A 445 10.92 -31.15 -18.18
N ILE A 446 10.61 -32.41 -18.51
CA ILE A 446 9.50 -33.23 -17.99
C ILE A 446 9.69 -34.25 -16.84
N TRP A 447 10.53 -35.26 -17.03
CA TRP A 447 10.61 -36.34 -16.05
C TRP A 447 11.94 -36.35 -15.35
N ARG A 448 12.27 -35.20 -14.78
CA ARG A 448 13.55 -34.95 -14.12
C ARG A 448 13.42 -33.78 -13.16
N THR A 449 14.56 -33.38 -12.56
CA THR A 449 14.68 -32.22 -11.70
C THR A 449 15.72 -31.25 -12.28
N PHE A 450 15.70 -30.00 -11.81
CA PHE A 450 16.64 -28.96 -12.18
C PHE A 450 17.05 -28.19 -10.95
N GLN A 451 18.20 -27.48 -11.01
CA GLN A 451 18.59 -26.51 -9.98
C GLN A 451 17.56 -25.35 -10.20
N LYS A 452 17.08 -24.68 -9.10
CA LYS A 452 16.07 -23.61 -9.14
C LYS A 452 16.18 -22.61 -10.31
N ASP A 453 17.36 -22.00 -10.51
CA ASP A 453 17.60 -21.03 -11.60
C ASP A 453 17.34 -21.64 -12.96
N GLU A 454 17.76 -22.90 -13.17
CA GLU A 454 17.55 -23.58 -14.44
C GLU A 454 16.07 -23.88 -14.67
N LEU A 455 15.35 -24.27 -13.61
CA LEU A 455 13.91 -24.54 -13.58
C LEU A 455 13.14 -23.26 -14.02
N LEU A 456 13.50 -22.11 -13.42
CA LEU A 456 12.87 -20.82 -13.71
C LEU A 456 13.11 -20.37 -15.15
N LYS A 457 14.38 -20.45 -15.65
CA LYS A 457 14.74 -20.10 -17.03
C LYS A 457 13.98 -21.00 -18.02
N ARG A 458 13.78 -22.28 -17.63
CA ARG A 458 13.09 -23.33 -18.41
C ARG A 458 11.58 -23.04 -18.47
N ILE A 459 11.00 -22.53 -17.37
CA ILE A 459 9.58 -22.14 -17.33
C ILE A 459 9.40 -20.88 -18.18
N LEU A 460 10.36 -19.95 -18.08
CA LEU A 460 10.27 -18.72 -18.87
C LEU A 460 10.31 -19.00 -20.37
N ASP A 461 11.21 -19.90 -20.80
CA ASP A 461 11.41 -20.28 -22.20
C ASP A 461 10.16 -20.94 -22.80
N MET A 462 9.51 -21.87 -22.03
CA MET A 462 8.28 -22.54 -22.44
C MET A 462 7.15 -21.55 -22.58
N SER A 463 6.98 -20.58 -21.62
CA SER A 463 5.90 -19.56 -21.66
C SER A 463 5.98 -18.71 -22.90
N ASN A 464 7.19 -18.33 -23.31
CA ASN A 464 7.41 -17.54 -24.51
C ASN A 464 6.98 -18.34 -25.76
N GLU A 465 7.38 -19.61 -25.82
CA GLU A 465 7.06 -20.54 -26.90
C GLU A 465 5.54 -20.74 -27.00
N TYR A 466 4.86 -20.98 -25.84
CA TYR A 466 3.40 -21.18 -25.73
C TYR A 466 2.61 -19.93 -26.17
N SER A 467 3.00 -18.74 -25.66
CA SER A 467 2.37 -17.45 -25.94
C SER A 467 2.36 -17.10 -27.44
N LEU A 468 3.50 -17.32 -28.12
CA LEU A 468 3.65 -17.07 -29.56
C LEU A 468 2.82 -18.05 -30.37
N PHE A 469 2.82 -19.33 -29.94
CA PHE A 469 2.06 -20.42 -30.54
C PHE A 469 0.55 -20.16 -30.45
N ILE A 470 0.06 -19.87 -29.23
CA ILE A 470 -1.35 -19.59 -28.94
C ILE A 470 -1.85 -18.37 -29.72
N THR A 471 -1.07 -17.31 -29.75
CA THR A 471 -1.42 -16.07 -30.40
C THR A 471 -1.70 -16.26 -31.88
N SER A 472 -0.81 -16.92 -32.56
CA SER A 472 -1.00 -17.07 -33.96
C SER A 472 -1.99 -18.17 -34.32
N ASP A 473 -2.26 -19.11 -33.43
CA ASP A 473 -3.30 -20.09 -33.66
C ASP A 473 -4.61 -19.35 -33.58
N HIS A 474 -4.74 -18.54 -32.57
CA HIS A 474 -5.90 -17.71 -32.41
C HIS A 474 -6.08 -16.81 -33.60
N LEU A 475 -5.00 -16.33 -34.19
CA LEU A 475 -5.21 -15.40 -35.27
C LEU A 475 -5.46 -16.07 -36.59
N ARG A 476 -4.94 -17.27 -36.77
CA ARG A 476 -5.14 -17.97 -37.99
C ARG A 476 -6.61 -18.30 -38.11
N GLN A 477 -7.18 -18.80 -37.04
CA GLN A 477 -8.60 -19.18 -37.01
C GLN A 477 -9.49 -18.01 -37.37
N MET A 478 -9.24 -16.85 -36.75
CA MET A 478 -9.99 -15.62 -36.96
C MET A 478 -9.86 -15.08 -38.37
N LEU A 479 -8.64 -15.14 -38.96
CA LEU A 479 -8.37 -14.72 -40.34
C LEU A 479 -8.95 -15.72 -41.36
N TYR A 480 -9.01 -17.02 -40.99
CA TYR A 480 -9.61 -18.09 -41.82
C TYR A 480 -11.09 -17.74 -41.98
N ASN A 481 -11.77 -17.44 -40.86
CA ASN A 481 -13.19 -17.06 -40.83
C ASN A 481 -13.47 -15.77 -41.64
N THR A 482 -12.54 -14.79 -41.60
CA THR A 482 -12.66 -13.53 -42.34
C THR A 482 -12.40 -13.70 -43.86
N PHE A 483 -11.56 -14.69 -44.24
CA PHE A 483 -11.27 -14.97 -45.65
C PHE A 483 -12.54 -15.57 -46.26
N TYR A 484 -13.24 -16.41 -45.47
CA TYR A 484 -14.48 -17.06 -45.88
C TYR A 484 -15.73 -16.19 -45.79
N SER A 485 -15.71 -15.15 -44.93
CA SER A 485 -16.81 -14.19 -44.85
C SER A 485 -16.77 -13.30 -46.12
N LYS A 486 -15.54 -12.91 -46.52
CA LYS A 486 -15.32 -12.09 -47.71
C LYS A 486 -15.47 -12.90 -49.00
N GLU A 487 -15.30 -14.24 -48.92
CA GLU A 487 -15.46 -15.15 -50.05
C GLU A 487 -16.94 -15.25 -50.41
N LYS A 488 -17.82 -15.25 -49.38
CA LYS A 488 -19.28 -15.29 -49.47
C LYS A 488 -19.74 -14.06 -50.24
N HIS A 489 -19.03 -12.93 -50.07
CA HIS A 489 -19.34 -11.68 -50.76
C HIS A 489 -18.91 -11.66 -52.21
N LEU A 490 -17.86 -12.44 -52.57
CA LEU A 490 -17.41 -12.59 -53.97
C LEU A 490 -18.42 -13.47 -54.72
N ASN A 491 -18.86 -14.59 -54.09
CA ASN A 491 -19.83 -15.55 -54.63
C ASN A 491 -21.14 -14.84 -54.99
N ASN A 492 -21.59 -13.91 -54.12
CA ASN A 492 -22.82 -13.14 -54.27
C ASN A 492 -22.75 -12.12 -55.42
N ILE A 493 -21.63 -11.37 -55.55
CA ILE A 493 -21.44 -10.38 -56.63
C ILE A 493 -21.29 -11.07 -58.00
N PHE A 494 -20.54 -12.19 -58.06
CA PHE A 494 -20.37 -12.98 -59.28
C PHE A 494 -21.69 -13.61 -59.69
N HIS A 495 -22.54 -13.99 -58.71
CA HIS A 495 -23.88 -14.55 -58.93
C HIS A 495 -24.78 -13.50 -59.58
N HIS A 496 -24.68 -12.24 -59.11
CA HIS A 496 -25.41 -11.08 -59.61
C HIS A 496 -24.97 -10.75 -61.05
N LEU A 497 -23.66 -10.92 -61.35
CA LEU A 497 -23.11 -10.66 -62.69
C LEU A 497 -23.58 -11.71 -63.72
N ILE A 498 -23.58 -12.99 -63.33
CA ILE A 498 -23.95 -14.12 -64.19
C ILE A 498 -25.47 -14.30 -64.30
N TYR A 499 -26.22 -14.14 -63.19
CA TYR A 499 -27.67 -14.34 -63.22
C TYR A 499 -28.53 -13.10 -63.38
N VAL A 500 -28.20 -12.03 -62.69
CA VAL A 500 -28.98 -10.84 -62.82
C VAL A 500 -28.62 -10.12 -64.09
N LEU A 501 -27.40 -10.26 -64.54
CA LEU A 501 -27.02 -9.62 -65.78
C LEU A 501 -26.43 -10.47 -66.87
N GLN A 502 -26.25 -11.75 -66.58
CA GLN A 502 -25.65 -12.67 -67.52
C GLN A 502 -24.42 -12.37 -68.33
N MET A 503 -23.29 -12.20 -67.68
CA MET A 503 -22.10 -11.91 -68.44
C MET A 503 -21.21 -12.95 -69.05
N LYS A 504 -21.74 -14.10 -69.34
CA LYS A 504 -20.97 -15.14 -69.99
C LYS A 504 -19.51 -14.79 -70.07
N VAL B 21 6.69 -16.52 14.56
CA VAL B 21 7.00 -15.75 13.40
C VAL B 21 7.52 -14.46 13.97
N LYS B 22 8.81 -14.21 13.81
CA LYS B 22 9.37 -13.01 14.40
C LYS B 22 10.28 -12.21 13.45
N LEU B 23 10.25 -10.91 13.64
CA LEU B 23 11.01 -9.91 12.90
C LEU B 23 11.76 -9.12 13.96
N VAL B 24 13.12 -9.02 13.86
CA VAL B 24 13.93 -8.25 14.84
C VAL B 24 14.79 -7.16 14.18
N GLU B 25 14.45 -5.88 14.38
CA GLU B 25 15.23 -4.76 13.81
C GLU B 25 16.41 -4.42 14.69
N SER B 26 17.55 -4.07 14.06
CA SER B 26 18.78 -3.64 14.72
C SER B 26 19.40 -2.49 13.94
N GLY B 27 20.29 -1.74 14.58
CA GLY B 27 21.03 -0.67 13.92
C GLY B 27 20.66 0.75 14.29
N GLY B 28 19.62 0.92 15.08
CA GLY B 28 19.20 2.24 15.52
C GLY B 28 20.20 2.95 16.41
N GLY B 29 19.94 4.23 16.66
CA GLY B 29 20.81 5.08 17.47
C GLY B 29 20.75 6.51 17.02
N VAL B 30 21.70 7.34 17.47
CA VAL B 30 21.78 8.76 17.13
C VAL B 30 22.65 8.99 15.89
N VAL B 31 22.12 9.78 14.95
CA VAL B 31 22.81 10.14 13.71
C VAL B 31 22.78 11.65 13.63
N GLN B 32 23.89 12.26 13.26
CA GLN B 32 23.94 13.69 13.13
C GLN B 32 23.36 14.06 11.77
N PRO B 33 22.72 15.24 11.58
CA PRO B 33 22.17 15.59 10.25
C PRO B 33 23.18 15.44 9.11
N GLY B 34 22.66 15.00 7.94
CA GLY B 34 23.47 14.73 6.75
C GLY B 34 24.19 13.40 6.84
N GLY B 35 24.01 12.70 7.95
CA GLY B 35 24.65 11.43 8.19
C GLY B 35 23.94 10.25 7.55
N SER B 36 24.57 9.10 7.64
CA SER B 36 24.03 7.86 7.11
C SER B 36 23.92 6.78 8.19
N ARG B 37 23.07 5.77 7.93
CA ARG B 37 22.85 4.64 8.81
C ARG B 37 22.37 3.44 8.08
N LYS B 38 22.80 2.26 8.55
CA LYS B 38 22.32 1.01 8.02
C LYS B 38 21.51 0.31 9.12
N LEU B 39 20.32 -0.15 8.74
CA LEU B 39 19.38 -0.88 9.58
C LEU B 39 19.30 -2.31 9.07
N SER B 40 19.28 -3.26 10.01
CA SER B 40 19.15 -4.69 9.71
C SER B 40 17.88 -5.18 10.33
N CYS B 41 17.36 -6.26 9.77
CA CYS B 41 16.20 -6.92 10.29
C CYS B 41 16.35 -8.40 10.14
N ALA B 42 16.36 -9.12 11.26
CA ALA B 42 16.48 -10.58 11.25
C ALA B 42 15.08 -11.24 11.38
N ALA B 43 14.80 -12.14 10.45
CA ALA B 43 13.54 -12.84 10.38
C ALA B 43 13.68 -14.29 10.84
N SER B 44 12.74 -14.75 11.67
CA SER B 44 12.72 -16.13 12.13
C SER B 44 11.30 -16.63 12.22
N GLY B 45 11.13 -17.95 12.09
CA GLY B 45 9.83 -18.61 12.21
C GLY B 45 9.09 -18.86 10.92
N PHE B 46 9.70 -18.50 9.77
CA PHE B 46 9.11 -18.68 8.44
C PHE B 46 10.19 -18.69 7.38
N THR B 47 9.83 -19.12 6.17
CA THR B 47 10.74 -19.12 5.04
C THR B 47 10.78 -17.66 4.57
N PHE B 48 11.82 -16.93 4.92
CA PHE B 48 12.00 -15.52 4.57
C PHE B 48 11.90 -15.24 3.05
N SER B 49 12.55 -16.04 2.23
CA SER B 49 12.53 -15.93 0.76
C SER B 49 11.13 -16.08 0.12
N ASP B 50 10.13 -16.56 0.88
CA ASP B 50 8.74 -16.73 0.42
C ASP B 50 7.88 -15.47 0.61
N TYR B 51 8.48 -14.36 1.10
CA TYR B 51 7.70 -13.16 1.35
C TYR B 51 8.33 -11.88 0.87
N GLY B 52 7.46 -10.93 0.50
CA GLY B 52 7.81 -9.54 0.22
C GLY B 52 8.06 -8.95 1.60
N MET B 53 8.87 -7.91 1.69
CA MET B 53 9.24 -7.30 2.96
C MET B 53 9.19 -5.79 2.81
N ALA B 54 9.04 -5.05 3.93
CA ALA B 54 8.96 -3.59 3.89
C ALA B 54 9.46 -2.88 5.13
N TRP B 55 9.76 -1.60 4.99
CA TRP B 55 10.06 -0.74 6.13
C TRP B 55 8.96 0.29 6.18
N VAL B 56 8.45 0.52 7.39
CA VAL B 56 7.40 1.46 7.72
C VAL B 56 8.00 2.24 8.90
N ARG B 57 7.83 3.54 8.92
CA ARG B 57 8.37 4.30 10.04
C ARG B 57 7.26 5.08 10.77
N GLN B 58 7.51 5.44 12.01
CA GLN B 58 6.54 6.15 12.83
C GLN B 58 7.25 7.25 13.58
N ALA B 59 6.97 8.51 13.20
CA ALA B 59 7.55 9.67 13.87
C ALA B 59 6.88 9.84 15.26
N PRO B 60 7.62 10.33 16.30
CA PRO B 60 6.99 10.51 17.63
C PRO B 60 5.69 11.33 17.55
N GLY B 61 4.61 10.79 18.11
CA GLY B 61 3.28 11.40 18.10
C GLY B 61 2.53 11.35 16.78
N LYS B 62 3.10 10.68 15.76
CA LYS B 62 2.48 10.57 14.43
C LYS B 62 2.13 9.11 14.07
N GLY B 63 1.37 8.95 12.98
CA GLY B 63 0.96 7.65 12.46
C GLY B 63 2.02 6.98 11.62
N PRO B 64 1.83 5.68 11.25
CA PRO B 64 2.85 5.01 10.42
C PRO B 64 2.98 5.62 9.02
N GLU B 65 4.20 5.60 8.49
CA GLU B 65 4.54 6.08 7.16
C GLU B 65 5.34 4.99 6.45
N TRP B 66 4.79 4.44 5.37
CA TRP B 66 5.45 3.43 4.58
C TRP B 66 6.65 4.05 3.86
N VAL B 67 7.84 3.41 3.91
CA VAL B 67 9.00 3.99 3.24
C VAL B 67 9.55 3.25 2.05
N THR B 68 9.55 1.89 2.11
CA THR B 68 10.10 1.05 1.04
C THR B 68 9.62 -0.40 1.09
N PHE B 69 9.57 -1.04 -0.10
CA PHE B 69 9.14 -2.43 -0.25
C PHE B 69 10.07 -3.18 -1.20
N ILE B 70 10.37 -4.45 -0.88
CA ILE B 70 11.16 -5.34 -1.74
C ILE B 70 10.38 -6.64 -1.89
N SER B 71 10.19 -7.13 -3.12
CA SER B 71 9.51 -8.42 -3.29
C SER B 71 10.46 -9.58 -2.94
N ASN B 72 9.92 -10.83 -2.88
CA ASN B 72 10.59 -12.10 -2.54
C ASN B 72 12.00 -12.21 -3.10
N MET B 73 12.15 -12.03 -4.41
CA MET B 73 13.42 -12.16 -5.13
C MET B 73 13.95 -10.81 -5.60
N ALA B 74 13.41 -9.70 -5.08
CA ALA B 74 13.77 -8.31 -5.41
C ALA B 74 13.47 -7.87 -6.86
N TYR B 75 12.40 -8.45 -7.49
CA TYR B 75 12.01 -8.03 -8.84
C TYR B 75 11.35 -6.63 -8.75
N SER B 76 10.55 -6.42 -7.70
CA SER B 76 9.84 -5.19 -7.45
C SER B 76 10.45 -4.55 -6.21
N ILE B 77 10.79 -3.27 -6.35
CA ILE B 77 11.31 -2.38 -5.33
C ILE B 77 10.56 -1.05 -5.46
N TYR B 78 9.94 -0.58 -4.37
CA TYR B 78 9.19 0.68 -4.32
C TYR B 78 9.71 1.53 -3.22
N TYR B 79 9.52 2.85 -3.34
CA TYR B 79 9.95 3.86 -2.39
C TYR B 79 8.92 4.97 -2.31
N ALA B 80 8.84 5.59 -1.14
CA ALA B 80 8.01 6.75 -0.87
C ALA B 80 8.79 7.93 -1.51
N ASP B 81 8.12 8.95 -2.06
CA ASP B 81 8.82 10.08 -2.69
C ASP B 81 9.70 10.84 -1.69
N THR B 82 9.30 10.80 -0.44
CA THR B 82 9.98 11.41 0.71
C THR B 82 11.34 10.76 1.05
N VAL B 83 11.62 9.58 0.46
CA VAL B 83 12.77 8.75 0.78
C VAL B 83 13.59 8.40 -0.47
N THR B 84 12.94 8.50 -1.65
CA THR B 84 13.46 8.22 -2.98
C THR B 84 14.83 8.92 -3.21
N GLY B 85 15.80 8.14 -3.69
CA GLY B 85 17.17 8.59 -3.93
C GLY B 85 18.11 8.62 -2.73
N ARG B 86 17.56 8.58 -1.49
CA ARG B 86 18.32 8.64 -0.23
C ARG B 86 18.40 7.31 0.53
N PHE B 87 17.34 6.49 0.44
CA PHE B 87 17.25 5.21 1.13
C PHE B 87 17.34 4.07 0.12
N THR B 88 17.95 2.93 0.52
CA THR B 88 18.09 1.73 -0.30
C THR B 88 17.74 0.47 0.51
N ILE B 89 16.68 -0.21 0.08
CA ILE B 89 16.25 -1.48 0.64
C ILE B 89 17.04 -2.58 -0.11
N SER B 90 17.38 -3.68 0.59
CA SER B 90 18.05 -4.87 0.04
C SER B 90 17.81 -6.09 0.95
N ARG B 91 18.06 -7.28 0.44
CA ARG B 91 17.81 -8.49 1.20
C ARG B 91 18.82 -9.58 0.93
N GLU B 92 19.09 -10.40 1.96
CA GLU B 92 19.99 -11.55 1.89
C GLU B 92 19.13 -12.70 2.33
N ASN B 93 18.41 -13.30 1.39
CA ASN B 93 17.51 -14.43 1.58
C ASN B 93 18.06 -15.61 2.40
N ALA B 94 19.33 -15.98 2.14
CA ALA B 94 20.02 -17.08 2.80
C ALA B 94 20.35 -16.75 4.24
N LYS B 95 20.42 -15.46 4.60
CA LYS B 95 20.73 -15.09 5.97
C LYS B 95 19.50 -14.56 6.71
N ASN B 96 18.29 -14.65 6.09
CA ASN B 96 17.01 -14.21 6.65
C ASN B 96 17.03 -12.73 7.05
N THR B 97 17.74 -11.92 6.27
CA THR B 97 17.95 -10.51 6.61
C THR B 97 17.48 -9.50 5.57
N LEU B 98 16.80 -8.48 6.07
CA LEU B 98 16.34 -7.31 5.34
C LEU B 98 17.25 -6.14 5.77
N HIS B 99 17.70 -5.36 4.80
CA HIS B 99 18.59 -4.22 5.07
C HIS B 99 17.98 -2.91 4.66
N LEU B 100 18.38 -1.82 5.35
CA LEU B 100 17.98 -0.47 5.01
C LEU B 100 19.17 0.49 5.13
N GLU B 101 19.71 0.91 3.99
CA GLU B 101 20.79 1.88 3.95
C GLU B 101 20.15 3.26 3.82
N MET B 102 20.27 4.10 4.86
CA MET B 102 19.73 5.48 4.94
C MET B 102 20.91 6.44 4.71
N SER B 103 20.72 7.55 3.96
CA SER B 103 21.87 8.38 3.60
C SER B 103 21.97 9.87 3.87
N SER B 104 20.92 10.64 3.61
CA SER B 104 21.07 12.11 3.78
C SER B 104 20.07 12.51 4.80
N LEU B 105 20.30 12.02 6.02
CA LEU B 105 19.40 12.13 7.13
C LEU B 105 19.12 13.54 7.62
N ARG B 106 17.83 13.86 7.67
CA ARG B 106 17.28 15.12 8.11
C ARG B 106 16.56 14.87 9.43
N SER B 107 16.17 15.93 10.16
CA SER B 107 15.43 15.84 11.42
C SER B 107 14.08 15.11 11.25
N GLU B 108 13.47 15.26 10.06
CA GLU B 108 12.20 14.68 9.62
C GLU B 108 12.27 13.13 9.50
N ASP B 109 13.49 12.55 9.53
CA ASP B 109 13.69 11.10 9.43
C ASP B 109 13.68 10.44 10.79
N THR B 110 13.66 11.24 11.88
CA THR B 110 13.59 10.74 13.26
C THR B 110 12.30 9.94 13.38
N ALA B 111 12.43 8.65 13.70
CA ALA B 111 11.28 7.75 13.79
C ALA B 111 11.66 6.42 14.40
N MET B 112 10.61 5.66 14.73
CA MET B 112 10.69 4.28 15.12
C MET B 112 10.62 3.59 13.74
N TYR B 113 11.60 2.76 13.41
CA TYR B 113 11.62 2.09 12.10
C TYR B 113 11.19 0.68 12.25
N TYR B 114 10.11 0.33 11.54
CA TYR B 114 9.58 -1.01 11.62
C TYR B 114 9.87 -1.82 10.38
N CYS B 115 10.09 -3.07 10.59
CA CYS B 115 10.26 -4.03 9.54
C CYS B 115 8.95 -4.81 9.49
N THR B 116 8.44 -5.07 8.27
CA THR B 116 7.18 -5.80 8.09
C THR B 116 7.27 -6.85 7.02
N ARG B 117 6.59 -7.98 7.28
CA ARG B 117 6.45 -9.08 6.32
C ARG B 117 5.22 -8.79 5.46
N ALA B 118 5.33 -8.94 4.13
CA ALA B 118 4.23 -8.68 3.21
C ALA B 118 3.67 -9.93 2.57
N ILE B 119 2.33 -10.08 2.60
CA ILE B 119 1.67 -11.21 1.94
C ILE B 119 1.09 -10.73 0.61
N PHE B 120 1.29 -11.52 -0.45
CA PHE B 120 0.70 -11.25 -1.75
C PHE B 120 -0.59 -12.05 -1.81
N ASP B 121 -1.70 -11.35 -1.70
CA ASP B 121 -3.00 -11.97 -1.83
C ASP B 121 -3.28 -12.27 -3.32
N TYR B 122 -3.78 -13.48 -3.59
CA TYR B 122 -4.12 -13.99 -4.93
C TYR B 122 -5.22 -13.23 -5.71
N ALA B 123 -5.78 -12.19 -5.07
CA ALA B 123 -6.70 -11.21 -5.66
C ALA B 123 -5.84 -10.05 -6.21
N GLY B 124 -4.50 -10.17 -6.08
CA GLY B 124 -3.49 -9.26 -6.61
C GLY B 124 -3.04 -8.10 -5.76
N TYR B 125 -2.90 -8.29 -4.44
CA TYR B 125 -2.47 -7.19 -3.54
C TYR B 125 -1.55 -7.60 -2.38
N TRP B 126 -0.75 -6.63 -1.89
CA TRP B 126 0.15 -6.81 -0.77
C TRP B 126 -0.41 -6.23 0.52
N TYR B 127 -0.29 -6.99 1.58
CA TYR B 127 -0.68 -6.53 2.91
C TYR B 127 0.37 -6.98 3.94
N PHE B 128 0.63 -6.14 4.95
CA PHE B 128 1.60 -6.35 6.01
C PHE B 128 0.94 -7.08 7.20
N ASP B 129 1.37 -8.32 7.50
CA ASP B 129 0.75 -9.09 8.58
C ASP B 129 1.58 -9.20 9.84
N VAL B 130 2.92 -9.29 9.70
CA VAL B 130 3.86 -9.43 10.82
C VAL B 130 4.81 -8.22 10.82
N TRP B 131 4.95 -7.57 11.97
CA TRP B 131 5.78 -6.40 12.21
C TRP B 131 6.75 -6.71 13.35
N GLY B 132 7.92 -6.09 13.35
CA GLY B 132 8.87 -6.27 14.45
C GLY B 132 8.62 -5.19 15.48
N ALA B 133 9.33 -5.23 16.61
CA ALA B 133 9.18 -4.26 17.69
C ALA B 133 9.67 -2.85 17.33
N GLY B 134 10.52 -2.75 16.33
CA GLY B 134 11.11 -1.51 15.85
C GLY B 134 12.48 -1.19 16.41
N THR B 135 13.14 -0.21 15.76
CA THR B 135 14.44 0.35 16.15
C THR B 135 14.39 1.87 15.92
N THR B 136 14.79 2.64 16.92
CA THR B 136 14.73 4.11 16.86
C THR B 136 15.96 4.71 16.19
N VAL B 137 15.70 5.61 15.24
CA VAL B 137 16.72 6.41 14.59
C VAL B 137 16.41 7.85 14.99
N THR B 138 17.34 8.50 15.70
CA THR B 138 17.23 9.89 16.14
C THR B 138 18.23 10.74 15.36
N VAL B 139 17.74 11.56 14.45
CA VAL B 139 18.61 12.43 13.67
C VAL B 139 18.68 13.79 14.35
N SER B 140 19.81 14.04 15.08
CA SER B 140 20.05 15.26 15.84
C SER B 140 21.55 15.58 15.96
N SER B 141 21.88 16.90 15.98
CA SER B 141 23.23 17.47 16.14
C SER B 141 23.61 17.67 17.61
N ALA B 142 22.64 17.46 18.53
CA ALA B 142 22.81 17.64 19.97
C ALA B 142 23.88 16.70 20.57
N LYS B 143 24.68 17.22 21.52
CA LYS B 143 25.71 16.44 22.21
C LYS B 143 25.04 15.80 23.42
N THR B 144 25.60 14.74 23.98
CA THR B 144 25.00 14.19 25.13
C THR B 144 25.24 15.11 26.31
N THR B 145 24.14 15.54 26.89
CA THR B 145 24.14 16.50 27.99
C THR B 145 23.31 15.95 29.15
N ALA B 146 23.91 15.92 30.36
CA ALA B 146 23.23 15.46 31.58
C ALA B 146 22.17 16.48 31.94
N PRO B 147 21.00 16.09 32.51
CA PRO B 147 19.97 17.10 32.80
C PRO B 147 20.17 17.88 34.09
N SER B 148 19.53 19.06 34.15
CA SER B 148 19.48 19.90 35.35
C SER B 148 18.21 19.49 36.09
N VAL B 149 18.35 19.09 37.36
CA VAL B 149 17.23 18.54 38.13
C VAL B 149 16.80 19.51 39.21
N TYR B 150 15.51 19.86 39.20
CA TYR B 150 15.05 20.87 40.13
C TYR B 150 13.92 20.41 41.02
N PRO B 151 14.04 20.62 42.35
CA PRO B 151 12.95 20.25 43.27
C PRO B 151 11.85 21.31 43.31
N LEU B 152 10.59 20.90 43.14
CA LEU B 152 9.47 21.83 43.16
C LEU B 152 8.63 21.59 44.41
N ALA B 153 8.72 22.53 45.34
CA ALA B 153 8.01 22.56 46.62
C ALA B 153 6.72 23.38 46.41
N PRO B 154 5.65 23.14 47.21
CA PRO B 154 4.42 23.93 47.04
C PRO B 154 4.59 25.43 47.35
N VAL B 155 3.59 26.23 46.98
CA VAL B 155 3.52 27.66 47.29
C VAL B 155 3.24 27.85 48.79
N CYS B 156 3.70 28.97 49.36
CA CYS B 156 3.50 29.32 50.76
C CYS B 156 2.11 29.89 50.97
N GLY B 157 1.63 29.86 52.21
CA GLY B 157 0.34 30.40 52.63
C GLY B 157 -0.86 29.76 51.97
N ASP B 158 -0.72 28.47 51.63
CA ASP B 158 -1.76 27.69 50.99
C ASP B 158 -2.77 27.16 52.01
N THR B 159 -4.03 27.02 51.58
CA THR B 159 -5.13 26.48 52.38
C THR B 159 -4.86 25.02 52.72
N THR B 160 -5.33 24.57 53.89
CA THR B 160 -5.13 23.21 54.34
C THR B 160 -6.02 22.24 53.58
N GLY B 161 -5.38 21.21 53.06
CA GLY B 161 -6.01 20.12 52.33
C GLY B 161 -5.60 18.79 52.91
N SER B 162 -6.15 17.71 52.38
CA SER B 162 -5.86 16.34 52.81
C SER B 162 -4.60 15.80 52.14
N SER B 163 -4.23 16.37 50.99
CA SER B 163 -3.03 15.95 50.24
C SER B 163 -2.16 17.12 49.79
N VAL B 164 -0.85 16.85 49.53
CA VAL B 164 0.13 17.82 49.00
C VAL B 164 0.58 17.25 47.70
N THR B 165 0.97 18.12 46.76
CA THR B 165 1.59 17.70 45.52
C THR B 165 2.92 18.39 45.37
N LEU B 166 3.93 17.57 45.07
CA LEU B 166 5.32 17.99 44.89
C LEU B 166 5.72 17.69 43.47
N GLY B 167 6.71 18.41 42.99
CA GLY B 167 7.19 18.23 41.63
C GLY B 167 8.69 18.12 41.49
N CYS B 168 9.06 17.70 40.31
CA CYS B 168 10.41 17.59 39.88
C CYS B 168 10.50 18.03 38.44
N LEU B 169 11.44 18.94 38.14
CA LEU B 169 11.62 19.42 36.78
C LEU B 169 12.98 18.98 36.26
N VAL B 170 12.97 18.23 35.15
CA VAL B 170 14.17 17.67 34.54
C VAL B 170 14.38 18.42 33.24
N LYS B 171 15.30 19.38 33.23
CA LYS B 171 15.53 20.22 32.06
C LYS B 171 16.85 19.97 31.34
N GLY B 172 16.77 20.09 30.01
CA GLY B 172 17.89 20.13 29.06
C GLY B 172 18.80 18.94 28.92
N TYR B 173 18.23 17.77 28.75
CA TYR B 173 19.06 16.59 28.56
C TYR B 173 18.99 16.05 27.13
N PHE B 174 20.02 15.31 26.75
CA PHE B 174 20.12 14.61 25.49
C PHE B 174 21.06 13.42 25.62
N PRO B 175 20.75 12.25 25.06
CA PRO B 175 19.48 11.85 24.41
C PRO B 175 18.49 11.30 25.43
N GLU B 176 17.35 10.84 24.93
CA GLU B 176 16.37 10.09 25.73
C GLU B 176 17.02 8.70 25.95
N PRO B 177 16.71 7.98 27.04
CA PRO B 177 15.77 8.31 28.10
C PRO B 177 16.46 8.83 29.35
N VAL B 178 15.64 9.14 30.33
CA VAL B 178 16.01 9.52 31.67
C VAL B 178 15.14 8.56 32.54
N THR B 179 15.61 8.21 33.76
CA THR B 179 14.83 7.39 34.67
C THR B 179 14.55 8.23 35.93
N LEU B 180 13.26 8.55 36.17
CA LEU B 180 12.83 9.36 37.30
C LEU B 180 12.04 8.49 38.29
N THR B 181 12.50 8.43 39.55
CA THR B 181 11.85 7.71 40.64
C THR B 181 11.67 8.69 41.81
N TRP B 182 10.76 8.36 42.72
CA TRP B 182 10.47 9.12 43.93
C TRP B 182 10.83 8.24 45.08
N ASN B 183 11.65 8.76 45.98
CA ASN B 183 12.18 8.05 47.14
C ASN B 183 12.84 6.73 46.76
N SER B 184 13.61 6.76 45.65
CA SER B 184 14.35 5.64 45.10
C SER B 184 13.42 4.48 44.67
N GLY B 185 12.20 4.84 44.24
CA GLY B 185 11.18 3.91 43.76
C GLY B 185 10.08 3.53 44.72
N SER B 186 10.26 3.79 46.04
CA SER B 186 9.26 3.44 47.06
C SER B 186 7.93 4.23 47.01
N LEU B 187 7.91 5.33 46.28
CA LEU B 187 6.73 6.13 46.07
C LEU B 187 6.36 6.02 44.59
N SER B 188 5.25 5.29 44.29
CA SER B 188 4.81 5.01 42.91
C SER B 188 3.34 5.36 42.63
N SER B 189 2.49 5.25 43.66
CA SER B 189 1.07 5.65 43.61
C SER B 189 1.06 7.18 43.73
N GLY B 190 0.12 7.83 43.09
CA GLY B 190 0.03 9.30 43.16
C GLY B 190 1.12 10.01 42.38
N VAL B 191 1.81 9.26 41.49
CA VAL B 191 2.91 9.71 40.65
C VAL B 191 2.47 9.88 39.20
N HIS B 192 2.80 11.03 38.59
CA HIS B 192 2.55 11.32 37.19
C HIS B 192 3.83 11.80 36.61
N THR B 193 4.41 11.02 35.72
CA THR B 193 5.64 11.38 35.02
C THR B 193 5.22 11.66 33.59
N PHE B 194 5.43 12.90 33.16
CA PHE B 194 5.01 13.38 31.88
C PHE B 194 5.95 12.98 30.75
N PRO B 195 5.42 12.64 29.55
CA PRO B 195 6.33 12.29 28.42
C PRO B 195 7.24 13.47 28.08
N ALA B 196 8.54 13.19 27.82
CA ALA B 196 9.55 14.20 27.47
C ALA B 196 9.16 14.91 26.19
N VAL B 197 9.39 16.22 26.18
CA VAL B 197 9.08 17.16 25.09
C VAL B 197 10.40 17.80 24.66
N LEU B 198 10.61 18.04 23.36
CA LEU B 198 11.82 18.69 22.84
C LEU B 198 11.68 20.20 22.92
N GLN B 199 12.66 20.86 23.56
CA GLN B 199 12.77 22.32 23.69
C GLN B 199 14.12 22.70 23.07
N SER B 200 14.11 23.12 21.79
CA SER B 200 15.31 23.52 21.04
C SER B 200 16.49 22.52 21.22
N ASP B 201 16.38 21.31 20.60
CA ASP B 201 17.37 20.21 20.59
C ASP B 201 17.46 19.35 21.85
N LEU B 202 17.14 19.91 23.01
CA LEU B 202 17.22 19.19 24.28
C LEU B 202 15.86 18.79 24.79
N TYR B 203 15.78 17.70 25.57
CA TYR B 203 14.54 17.25 26.15
C TYR B 203 14.37 17.80 27.54
N THR B 204 13.11 17.92 27.94
CA THR B 204 12.67 18.34 29.25
C THR B 204 11.53 17.43 29.68
N LEU B 205 11.53 17.04 30.95
CA LEU B 205 10.44 16.29 31.55
C LEU B 205 10.04 16.75 32.92
N SER B 206 8.80 16.44 33.29
CA SER B 206 8.21 16.82 34.56
C SER B 206 7.62 15.59 35.23
N SER B 207 7.59 15.61 36.57
CA SER B 207 6.94 14.58 37.35
C SER B 207 6.34 15.18 38.61
N SER B 208 5.14 14.69 39.01
CA SER B 208 4.50 15.09 40.27
C SER B 208 4.24 13.87 41.17
N VAL B 209 4.22 14.08 42.50
CA VAL B 209 3.92 13.08 43.50
C VAL B 209 2.92 13.70 44.51
N THR B 210 1.80 13.03 44.74
CA THR B 210 0.80 13.51 45.68
C THR B 210 0.66 12.55 46.84
N VAL B 211 0.88 13.06 48.05
CA VAL B 211 0.84 12.29 49.30
C VAL B 211 -0.13 12.96 50.28
N THR B 212 -0.51 12.22 51.35
CA THR B 212 -1.36 12.78 52.40
C THR B 212 -0.57 13.89 53.11
N SER B 213 -1.20 15.06 53.23
CA SER B 213 -0.68 16.35 53.73
C SER B 213 0.23 16.29 54.95
N SER B 214 -0.22 15.58 56.01
CA SER B 214 0.46 15.43 57.30
C SER B 214 1.80 14.69 57.22
N THR B 215 2.06 14.00 56.09
CA THR B 215 3.27 13.19 55.90
C THR B 215 4.42 13.95 55.24
N TRP B 216 4.16 15.12 54.72
CA TRP B 216 5.21 15.91 54.11
C TRP B 216 5.18 17.31 54.70
N PRO B 217 6.32 17.88 55.16
CA PRO B 217 7.71 17.36 55.08
C PRO B 217 8.19 16.35 56.12
N SER B 218 7.35 15.98 57.13
CA SER B 218 7.74 15.05 58.19
C SER B 218 8.41 13.76 57.70
N GLN B 219 7.83 13.13 56.66
CA GLN B 219 8.36 11.92 56.04
C GLN B 219 8.85 12.34 54.68
N SER B 220 10.18 12.62 54.61
CA SER B 220 10.91 13.18 53.47
C SER B 220 10.61 12.61 52.10
N ILE B 221 10.68 13.47 51.07
CA ILE B 221 10.43 13.11 49.68
C ILE B 221 11.60 13.58 48.79
N THR B 222 12.23 12.61 48.10
CA THR B 222 13.40 12.83 47.25
C THR B 222 13.13 12.36 45.83
N CYS B 223 13.60 13.16 44.90
CA CYS B 223 13.50 12.90 43.48
C CYS B 223 14.82 12.32 43.01
N ASN B 224 14.79 11.26 42.24
CA ASN B 224 16.01 10.65 41.74
C ASN B 224 15.97 10.54 40.23
N VAL B 225 16.98 11.08 39.58
CA VAL B 225 17.05 11.11 38.13
C VAL B 225 18.37 10.50 37.68
N ALA B 226 18.25 9.50 36.81
CA ALA B 226 19.35 8.78 36.21
C ALA B 226 19.26 8.98 34.70
N HIS B 227 20.38 9.39 34.09
CA HIS B 227 20.49 9.62 32.67
C HIS B 227 21.62 8.70 32.18
N PRO B 228 21.27 7.48 31.71
CA PRO B 228 22.31 6.51 31.33
C PRO B 228 23.41 6.98 30.36
N ALA B 229 23.03 7.73 29.32
CA ALA B 229 23.96 8.25 28.30
C ALA B 229 25.13 9.08 28.83
N SER B 230 24.87 9.93 29.84
CA SER B 230 25.87 10.79 30.50
C SER B 230 26.37 10.13 31.78
N SER B 231 25.89 8.88 32.06
CA SER B 231 26.18 8.05 33.24
C SER B 231 26.09 8.82 34.58
N THR B 232 25.06 9.68 34.70
CA THR B 232 24.77 10.50 35.89
C THR B 232 23.56 9.96 36.68
N LYS B 233 23.60 10.14 37.97
CA LYS B 233 22.46 9.87 38.82
C LYS B 233 22.40 10.94 39.86
N VAL B 234 21.31 11.67 39.87
CA VAL B 234 21.12 12.87 40.68
C VAL B 234 19.93 12.78 41.62
N ASP B 235 20.13 13.22 42.87
CA ASP B 235 19.11 13.27 43.93
C ASP B 235 18.77 14.71 44.28
N LYS B 236 17.48 14.98 44.44
CA LYS B 236 17.03 16.32 44.79
C LYS B 236 15.85 16.18 45.76
N LYS B 237 16.14 16.38 47.06
CA LYS B 237 15.17 16.29 48.16
C LYS B 237 14.27 17.51 48.09
N ILE B 238 12.96 17.33 48.33
CA ILE B 238 12.03 18.46 48.25
C ILE B 238 11.95 19.09 49.63
N GLU B 239 12.27 20.37 49.72
CA GLU B 239 12.27 21.07 50.99
C GLU B 239 11.30 22.25 51.00
N PRO B 240 10.51 22.45 52.07
CA PRO B 240 9.60 23.60 52.10
C PRO B 240 10.24 24.94 51.73
N ARG B 241 9.50 25.80 51.00
CA ARG B 241 9.96 27.14 50.63
C ARG B 241 9.85 28.04 51.86
N ASP C 21 -0.92 11.12 -4.80
CA ASP C 21 -0.93 10.44 -3.51
C ASP C 21 -2.35 10.32 -2.91
N ILE C 22 -2.69 9.13 -2.40
CA ILE C 22 -4.00 8.86 -1.81
C ILE C 22 -4.04 9.32 -0.36
N VAL C 23 -4.99 10.21 -0.04
CA VAL C 23 -5.14 10.76 1.31
C VAL C 23 -6.29 10.06 2.01
N LEU C 24 -5.96 9.26 3.05
CA LEU C 24 -6.94 8.56 3.86
C LEU C 24 -7.27 9.44 5.06
N THR C 25 -8.53 9.86 5.13
CA THR C 25 -9.05 10.72 6.18
C THR C 25 -9.90 9.85 7.07
N GLN C 26 -9.47 9.69 8.33
CA GLN C 26 -10.16 8.91 9.33
C GLN C 26 -11.06 9.79 10.21
N SER C 27 -12.27 9.29 10.52
CA SER C 27 -13.20 9.99 11.39
C SER C 27 -13.94 9.05 12.37
N PRO C 28 -14.07 9.45 13.66
CA PRO C 28 -13.54 10.68 14.30
C PRO C 28 -12.05 10.52 14.64
N ALA C 29 -11.35 11.59 15.05
CA ALA C 29 -9.94 11.48 15.45
C ALA C 29 -9.81 10.68 16.78
N SER C 30 -10.84 10.77 17.62
CA SER C 30 -10.93 10.10 18.91
C SER C 30 -12.38 9.70 19.13
N LEU C 31 -12.59 8.56 19.78
CA LEU C 31 -13.90 8.00 20.04
C LEU C 31 -13.87 7.36 21.43
N ALA C 32 -14.80 7.75 22.31
CA ALA C 32 -14.89 7.20 23.65
C ALA C 32 -16.09 6.30 23.64
N VAL C 33 -15.91 5.13 24.21
CA VAL C 33 -16.92 4.06 24.20
C VAL C 33 -16.88 3.33 25.54
N SER C 34 -17.99 2.68 25.91
CA SER C 34 -18.02 1.89 27.13
C SER C 34 -17.91 0.40 26.75
N LEU C 35 -17.53 -0.43 27.74
CA LEU C 35 -17.39 -1.87 27.61
C LEU C 35 -18.74 -2.50 27.18
N GLY C 36 -18.70 -3.35 26.16
CA GLY C 36 -19.88 -4.03 25.63
C GLY C 36 -20.63 -3.30 24.54
N GLN C 37 -20.24 -2.06 24.24
CA GLN C 37 -20.87 -1.24 23.20
C GLN C 37 -20.24 -1.48 21.83
N ARG C 38 -20.83 -0.88 20.80
CA ARG C 38 -20.32 -0.93 19.43
C ARG C 38 -19.45 0.32 19.21
N ALA C 39 -18.31 0.17 18.52
CA ALA C 39 -17.43 1.24 18.09
C ALA C 39 -17.32 1.15 16.59
N THR C 40 -17.79 2.18 15.89
CA THR C 40 -17.72 2.26 14.44
C THR C 40 -16.81 3.42 14.09
N ILE C 41 -15.69 3.12 13.43
CA ILE C 41 -14.74 4.15 13.00
C ILE C 41 -14.67 4.14 11.48
N SER C 42 -14.61 5.31 10.87
CA SER C 42 -14.64 5.36 9.41
C SER C 42 -13.40 5.92 8.76
N CYS C 43 -13.21 5.58 7.49
CA CYS C 43 -12.12 6.07 6.66
C CYS C 43 -12.65 6.45 5.27
N ARG C 44 -12.18 7.56 4.73
CA ARG C 44 -12.51 8.04 3.39
C ARG C 44 -11.25 8.29 2.59
N ALA C 45 -11.17 7.66 1.41
CA ALA C 45 -10.06 7.75 0.47
C ALA C 45 -10.30 8.86 -0.58
N SER C 46 -9.22 9.58 -0.99
CA SER C 46 -9.20 10.65 -1.99
C SER C 46 -9.71 10.18 -3.34
N GLU C 47 -9.51 8.89 -3.63
CA GLU C 47 -9.91 8.22 -4.87
C GLU C 47 -10.14 6.74 -4.58
N SER C 48 -10.78 6.02 -5.52
CA SER C 48 -11.05 4.60 -5.38
C SER C 48 -9.79 3.77 -5.08
N VAL C 49 -9.88 2.89 -4.07
CA VAL C 49 -8.80 1.98 -3.68
C VAL C 49 -9.15 0.56 -4.18
N GLU C 50 -10.15 0.49 -5.08
CA GLU C 50 -10.61 -0.76 -5.66
C GLU C 50 -9.64 -1.18 -6.76
N TYR C 51 -9.38 -2.50 -6.84
CA TYR C 51 -8.47 -3.12 -7.81
C TYR C 51 -9.09 -4.46 -8.22
N TYR C 52 -9.80 -4.45 -9.37
CA TYR C 52 -10.49 -5.61 -9.95
C TYR C 52 -11.53 -6.26 -9.02
N GLY C 53 -12.44 -5.45 -8.49
CA GLY C 53 -13.50 -5.91 -7.59
C GLY C 53 -13.10 -6.20 -6.16
N THR C 54 -11.86 -5.84 -5.78
CA THR C 54 -11.33 -5.99 -4.41
C THR C 54 -10.97 -4.60 -3.90
N SER C 55 -11.44 -4.25 -2.69
CA SER C 55 -11.14 -2.96 -2.09
C SER C 55 -9.94 -3.18 -1.18
N LEU C 56 -8.77 -2.66 -1.59
CA LEU C 56 -7.50 -2.89 -0.91
C LEU C 56 -7.28 -2.04 0.34
N MET C 57 -8.22 -2.15 1.29
CA MET C 57 -8.19 -1.40 2.53
C MET C 57 -7.85 -2.30 3.71
N GLN C 58 -6.71 -2.01 4.38
CA GLN C 58 -6.23 -2.72 5.57
C GLN C 58 -6.56 -1.91 6.81
N TRP C 59 -6.74 -2.59 7.94
CA TRP C 59 -6.99 -1.98 9.23
C TRP C 59 -5.95 -2.50 10.21
N PHE C 60 -5.37 -1.60 11.00
CA PHE C 60 -4.34 -1.93 11.99
C PHE C 60 -4.69 -1.43 13.36
N GLN C 61 -4.31 -2.18 14.41
CA GLN C 61 -4.49 -1.75 15.78
C GLN C 61 -3.10 -1.47 16.35
N GLN C 62 -2.96 -0.43 17.16
CA GLN C 62 -1.67 -0.13 17.77
C GLN C 62 -1.81 0.38 19.19
N LYS C 63 -1.15 -0.31 20.13
CA LYS C 63 -1.10 0.05 21.54
C LYS C 63 0.21 0.80 21.81
N PRO C 64 0.29 1.70 22.83
CA PRO C 64 1.53 2.46 23.09
C PRO C 64 2.78 1.58 23.25
N GLY C 65 3.86 1.99 22.59
CA GLY C 65 5.15 1.28 22.60
C GLY C 65 5.12 -0.08 21.94
N GLN C 66 4.09 -0.33 21.10
CA GLN C 66 3.95 -1.61 20.40
C GLN C 66 3.82 -1.39 18.89
N PRO C 67 4.29 -2.33 18.04
CA PRO C 67 4.13 -2.13 16.59
C PRO C 67 2.65 -2.23 16.19
N PRO C 68 2.27 -1.74 15.00
CA PRO C 68 0.89 -1.97 14.54
C PRO C 68 0.58 -3.48 14.40
N ARG C 69 -0.69 -3.83 14.58
CA ARG C 69 -1.17 -5.21 14.46
C ARG C 69 -2.26 -5.27 13.40
N LEU C 70 -2.12 -6.18 12.41
CA LEU C 70 -3.11 -6.35 11.36
C LEU C 70 -4.39 -6.97 11.87
N LEU C 71 -5.38 -6.43 11.58
CA LEU C 71 -6.78 -6.78 11.80
C LEU C 71 -7.44 -7.15 10.45
N ILE C 72 -7.69 -6.44 9.56
CA ILE C 72 -8.42 -6.67 8.32
C ILE C 72 -7.57 -6.29 7.10
N HIS C 73 -7.66 -7.07 6.05
CA HIS C 73 -6.89 -6.76 4.88
C HIS C 73 -7.63 -6.48 3.59
N GLY C 74 -8.66 -7.22 3.28
CA GLY C 74 -9.30 -6.98 2.01
C GLY C 74 -10.52 -6.14 2.13
N ALA C 75 -10.45 -5.17 3.03
CA ALA C 75 -11.55 -4.31 3.36
C ALA C 75 -12.47 -5.07 4.29
N SER C 76 -12.58 -6.36 4.10
CA SER C 76 -13.48 -7.18 4.88
C SER C 76 -12.92 -8.47 5.41
N ASN C 77 -11.67 -8.77 5.12
CA ASN C 77 -11.09 -10.02 5.51
C ASN C 77 -10.43 -10.03 6.86
N VAL C 78 -11.02 -10.73 7.80
CA VAL C 78 -10.51 -10.81 9.16
C VAL C 78 -9.29 -11.75 9.21
N GLN C 79 -8.19 -11.22 9.74
CA GLN C 79 -6.94 -11.96 9.87
C GLN C 79 -7.08 -13.08 10.86
N SER C 80 -6.37 -14.20 10.61
CA SER C 80 -6.39 -15.38 11.47
C SER C 80 -5.81 -14.95 12.82
N GLY C 81 -6.52 -15.29 13.88
CA GLY C 81 -6.15 -14.94 15.24
C GLY C 81 -6.86 -13.72 15.74
N VAL C 82 -7.37 -12.90 14.82
CA VAL C 82 -8.10 -11.67 15.20
C VAL C 82 -9.52 -12.10 15.58
N PRO C 83 -10.00 -11.72 16.80
CA PRO C 83 -11.36 -12.14 17.23
C PRO C 83 -12.52 -11.66 16.34
N ALA C 84 -13.66 -12.39 16.40
CA ALA C 84 -14.88 -12.14 15.59
C ALA C 84 -15.63 -10.84 15.86
N ARG C 85 -15.32 -10.18 16.99
CA ARG C 85 -15.90 -8.89 17.36
C ARG C 85 -15.47 -7.74 16.43
N PHE C 86 -14.41 -7.98 15.60
CA PHE C 86 -13.87 -7.03 14.61
C PHE C 86 -14.39 -7.42 13.24
N SER C 87 -14.83 -6.43 12.48
CA SER C 87 -15.36 -6.58 11.13
C SER C 87 -15.15 -5.29 10.33
N GLY C 88 -14.98 -5.46 9.03
CA GLY C 88 -14.77 -4.37 8.08
C GLY C 88 -15.79 -4.41 6.98
N SER C 89 -16.17 -3.23 6.50
CA SER C 89 -17.14 -3.10 5.42
C SER C 89 -16.84 -1.89 4.56
N GLY C 90 -17.56 -1.79 3.45
CA GLY C 90 -17.41 -0.68 2.53
C GLY C 90 -16.64 -1.08 1.30
N SER C 91 -16.54 -0.12 0.36
CA SER C 91 -15.91 -0.23 -0.94
C SER C 91 -15.64 1.16 -1.52
N GLY C 92 -14.83 1.21 -2.56
CA GLY C 92 -14.47 2.42 -3.27
C GLY C 92 -13.64 3.38 -2.43
N THR C 93 -14.35 4.34 -1.81
CA THR C 93 -13.77 5.40 -0.98
C THR C 93 -14.28 5.40 0.46
N ASP C 94 -15.40 4.72 0.74
CA ASP C 94 -15.98 4.73 2.08
C ASP C 94 -15.81 3.38 2.76
N PHE C 95 -15.08 3.37 3.89
CA PHE C 95 -14.76 2.17 4.67
C PHE C 95 -15.00 2.38 6.15
N SER C 96 -15.40 1.29 6.83
CA SER C 96 -15.61 1.37 8.27
C SER C 96 -15.14 0.14 9.01
N LEU C 97 -14.65 0.34 10.23
CA LEU C 97 -14.23 -0.73 11.11
C LEU C 97 -15.27 -0.80 12.21
N ASN C 98 -15.78 -2.01 12.45
CA ASN C 98 -16.74 -2.26 13.51
C ASN C 98 -16.18 -3.19 14.57
N ILE C 99 -16.28 -2.75 15.85
CA ILE C 99 -15.86 -3.52 17.00
C ILE C 99 -17.10 -3.69 17.87
N HIS C 100 -17.62 -4.91 17.99
CA HIS C 100 -18.80 -5.19 18.79
C HIS C 100 -18.89 -6.63 19.29
N PRO C 101 -18.96 -6.83 20.63
CA PRO C 101 -18.88 -5.81 21.69
C PRO C 101 -17.44 -5.40 22.03
N VAL C 102 -17.25 -4.12 22.43
CA VAL C 102 -15.94 -3.62 22.83
C VAL C 102 -15.48 -4.29 24.15
N GLU C 103 -14.20 -4.68 24.17
CA GLU C 103 -13.56 -5.31 25.29
C GLU C 103 -12.38 -4.51 25.75
N GLU C 104 -11.89 -4.80 26.96
CA GLU C 104 -10.80 -4.09 27.61
C GLU C 104 -9.55 -3.94 26.76
N ASP C 105 -9.21 -4.96 25.99
CA ASP C 105 -8.01 -4.95 25.17
C ASP C 105 -8.19 -4.16 23.87
N ASP C 106 -9.42 -3.72 23.57
CA ASP C 106 -9.77 -2.98 22.36
C ASP C 106 -9.42 -1.51 22.32
N PHE C 107 -9.24 -0.87 23.50
CA PHE C 107 -8.83 0.55 23.62
C PHE C 107 -7.40 0.69 23.14
N ALA C 108 -7.24 1.33 22.00
CA ALA C 108 -5.98 1.48 21.28
C ALA C 108 -6.19 2.49 20.15
N MET C 109 -5.16 2.62 19.29
CA MET C 109 -5.17 3.44 18.08
C MET C 109 -5.52 2.51 16.89
N TYR C 110 -6.24 3.03 15.90
CA TYR C 110 -6.61 2.24 14.71
C TYR C 110 -6.26 3.01 13.48
N PHE C 111 -5.56 2.39 12.54
CA PHE C 111 -5.18 3.06 11.32
C PHE C 111 -5.70 2.28 10.15
N CYS C 112 -5.99 2.98 9.08
CA CYS C 112 -6.39 2.33 7.87
C CYS C 112 -5.24 2.45 6.92
N GLN C 113 -5.17 1.57 5.94
CA GLN C 113 -4.10 1.65 4.98
C GLN C 113 -4.52 1.12 3.62
N GLN C 114 -4.02 1.74 2.56
CA GLN C 114 -4.30 1.31 1.19
C GLN C 114 -3.06 0.79 0.50
N SER C 115 -3.21 -0.26 -0.32
CA SER C 115 -2.09 -0.80 -1.09
C SER C 115 -2.40 -0.91 -2.60
N THR C 116 -3.35 -0.08 -3.07
CA THR C 116 -3.81 0.02 -4.46
C THR C 116 -2.78 0.75 -5.31
N LYS C 117 -2.26 1.88 -4.79
CA LYS C 117 -1.24 2.66 -5.47
C LYS C 117 -0.14 3.12 -4.52
N VAL C 118 1.11 3.09 -5.01
CA VAL C 118 2.29 3.49 -4.27
C VAL C 118 2.51 5.03 -4.41
N PRO C 119 2.91 5.77 -3.34
CA PRO C 119 3.23 5.31 -1.98
C PRO C 119 2.01 4.76 -1.24
N TRP C 120 2.18 3.61 -0.56
CA TRP C 120 1.13 2.99 0.24
C TRP C 120 0.92 3.88 1.42
N THR C 121 -0.32 4.35 1.60
CA THR C 121 -0.66 5.32 2.64
C THR C 121 -1.55 4.79 3.74
N PHE C 122 -1.38 5.40 4.92
CA PHE C 122 -2.14 5.14 6.14
C PHE C 122 -2.95 6.39 6.44
N GLY C 123 -4.01 6.23 7.23
CA GLY C 123 -4.79 7.35 7.74
C GLY C 123 -4.09 7.95 8.95
N GLY C 124 -4.65 9.04 9.46
CA GLY C 124 -4.10 9.73 10.63
C GLY C 124 -4.27 8.96 11.91
N GLY C 125 -5.32 8.14 11.95
CA GLY C 125 -5.64 7.32 13.11
C GLY C 125 -6.85 7.78 13.86
N THR C 126 -7.46 6.84 14.58
CA THR C 126 -8.59 7.04 15.47
C THR C 126 -8.24 6.35 16.76
N LYS C 127 -8.27 7.12 17.85
CA LYS C 127 -7.98 6.60 19.18
C LYS C 127 -9.31 6.14 19.78
N LEU C 128 -9.42 4.85 20.12
CA LEU C 128 -10.62 4.33 20.78
C LEU C 128 -10.31 4.39 22.27
N GLU C 129 -11.01 5.26 23.02
CA GLU C 129 -10.76 5.44 24.47
C GLU C 129 -11.95 5.00 25.33
N ILE C 130 -11.71 4.70 26.61
CA ILE C 130 -12.80 4.25 27.48
C ILE C 130 -13.55 5.44 28.13
N LYS C 131 -14.89 5.35 28.17
CA LYS C 131 -15.73 6.35 28.81
C LYS C 131 -15.69 6.09 30.32
N ARG C 132 -15.62 7.18 31.09
CA ARG C 132 -15.56 7.22 32.54
C ARG C 132 -16.17 8.52 32.99
N ALA C 133 -16.48 8.65 34.30
CA ALA C 133 -17.06 9.86 34.88
C ALA C 133 -16.19 11.07 34.68
N ASP C 134 -16.80 12.23 34.47
CA ASP C 134 -16.10 13.49 34.38
C ASP C 134 -15.40 13.76 35.71
N ALA C 135 -14.19 14.29 35.61
CA ALA C 135 -13.34 14.59 36.73
C ALA C 135 -12.68 15.91 36.46
N ALA C 136 -12.81 16.83 37.40
CA ALA C 136 -12.24 18.16 37.34
C ALA C 136 -10.73 18.05 37.57
N PRO C 137 -9.89 18.82 36.85
CA PRO C 137 -8.45 18.71 37.10
C PRO C 137 -8.06 19.28 38.45
N THR C 138 -7.06 18.66 39.09
CA THR C 138 -6.48 19.15 40.34
C THR C 138 -5.23 19.92 39.95
N VAL C 139 -5.31 21.25 40.06
CA VAL C 139 -4.27 22.17 39.61
C VAL C 139 -3.31 22.59 40.75
N SER C 140 -2.00 22.50 40.47
CA SER C 140 -0.92 22.90 41.37
C SER C 140 0.06 23.82 40.57
N ILE C 141 0.47 24.93 41.18
CA ILE C 141 1.41 25.89 40.60
C ILE C 141 2.73 25.83 41.40
N PHE C 142 3.85 25.90 40.67
CA PHE C 142 5.15 25.85 41.31
C PHE C 142 6.02 26.98 40.83
N PRO C 143 6.39 27.94 41.72
CA PRO C 143 7.37 28.98 41.32
C PRO C 143 8.70 28.30 41.00
N PRO C 144 9.67 28.96 40.29
CA PRO C 144 10.96 28.29 40.04
C PRO C 144 11.63 27.84 41.35
N SER C 145 12.44 26.77 41.28
CA SER C 145 13.20 26.35 42.45
C SER C 145 14.32 27.39 42.62
N SER C 146 14.82 27.60 43.86
CA SER C 146 15.89 28.57 44.15
C SER C 146 17.18 28.23 43.39
N GLU C 147 17.46 26.93 43.20
CA GLU C 147 18.58 26.35 42.45
C GLU C 147 18.56 26.82 41.00
N GLN C 148 17.36 26.79 40.34
CA GLN C 148 17.21 27.24 38.96
C GLN C 148 17.43 28.77 38.83
N LEU C 149 16.93 29.57 39.79
CA LEU C 149 17.14 31.03 39.78
C LEU C 149 18.60 31.41 39.88
N THR C 150 19.41 30.67 40.70
CA THR C 150 20.85 31.00 40.80
C THR C 150 21.59 30.70 39.48
N SER C 151 21.02 29.81 38.64
CA SER C 151 21.60 29.49 37.34
C SER C 151 21.11 30.42 36.22
N GLY C 152 20.16 31.32 36.53
CA GLY C 152 19.66 32.33 35.59
C GLY C 152 18.35 32.08 34.87
N GLY C 153 17.73 30.93 35.14
CA GLY C 153 16.46 30.54 34.52
C GLY C 153 15.33 30.57 35.51
N ALA C 154 14.09 30.60 35.03
CA ALA C 154 12.92 30.67 35.90
C ALA C 154 11.73 29.99 35.27
N SER C 155 11.56 28.70 35.57
CA SER C 155 10.44 27.93 35.02
C SER C 155 9.36 27.86 36.06
N VAL C 156 8.12 28.26 35.67
CA VAL C 156 6.92 28.17 36.51
C VAL C 156 6.18 26.92 35.97
N VAL C 157 5.99 25.92 36.84
CA VAL C 157 5.39 24.64 36.45
C VAL C 157 3.98 24.53 36.98
N CYS C 158 3.09 24.08 36.12
CA CYS C 158 1.72 23.88 36.50
C CYS C 158 1.26 22.44 36.17
N PHE C 159 0.80 21.71 37.19
CA PHE C 159 0.29 20.33 37.05
C PHE C 159 -1.24 20.32 37.06
N LEU C 160 -1.85 19.65 36.06
CA LEU C 160 -3.30 19.52 35.85
C LEU C 160 -3.53 18.01 35.78
N ASN C 161 -3.84 17.42 36.92
CA ASN C 161 -3.91 16.00 37.11
C ASN C 161 -5.30 15.39 37.28
N ASN C 162 -5.42 14.17 36.78
CA ASN C 162 -6.61 13.33 36.89
C ASN C 162 -7.90 13.95 36.44
N PHE C 163 -7.92 14.40 35.19
CA PHE C 163 -9.15 14.98 34.68
C PHE C 163 -9.80 14.14 33.61
N TYR C 164 -11.06 14.39 33.37
CA TYR C 164 -11.83 13.70 32.35
C TYR C 164 -13.04 14.56 32.00
N PRO C 165 -13.34 14.80 30.70
CA PRO C 165 -12.63 14.32 29.49
C PRO C 165 -11.25 14.95 29.24
N LYS C 166 -10.58 14.43 28.22
CA LYS C 166 -9.24 14.77 27.70
C LYS C 166 -9.05 16.25 27.41
N ASP C 167 -10.05 16.91 26.83
CA ASP C 167 -9.99 18.31 26.42
C ASP C 167 -9.84 19.30 27.57
N ILE C 168 -8.76 20.09 27.48
CA ILE C 168 -8.38 21.09 28.46
C ILE C 168 -7.61 22.23 27.78
N ASN C 169 -7.82 23.46 28.26
CA ASN C 169 -7.15 24.64 27.76
C ASN C 169 -6.46 25.33 28.93
N VAL C 170 -5.14 25.52 28.82
CA VAL C 170 -4.34 26.18 29.85
C VAL C 170 -3.82 27.48 29.31
N LYS C 171 -4.07 28.56 30.06
CA LYS C 171 -3.59 29.88 29.72
C LYS C 171 -2.72 30.36 30.87
N TRP C 172 -1.58 30.98 30.52
CA TRP C 172 -0.67 31.56 31.49
C TRP C 172 -0.93 33.03 31.55
N LYS C 173 -0.98 33.60 32.74
CA LYS C 173 -1.16 35.04 32.92
C LYS C 173 -0.07 35.59 33.81
N ILE C 174 0.62 36.67 33.37
CA ILE C 174 1.68 37.35 34.14
C ILE C 174 1.21 38.79 34.36
N ASP C 175 0.93 39.15 35.63
CA ASP C 175 0.36 40.44 36.02
C ASP C 175 -0.98 40.68 35.24
N GLY C 176 -1.79 39.61 35.14
CA GLY C 176 -3.09 39.61 34.47
C GLY C 176 -3.10 39.58 32.96
N SER C 177 -1.91 39.68 32.33
CA SER C 177 -1.83 39.64 30.89
C SER C 177 -1.34 38.26 30.45
N GLU C 178 -1.99 37.68 29.43
CA GLU C 178 -1.67 36.37 28.91
C GLU C 178 -0.27 36.27 28.31
N ARG C 179 0.42 35.13 28.55
CA ARG C 179 1.73 34.82 28.01
C ARG C 179 1.63 33.53 27.23
N GLN C 180 1.91 33.60 25.93
CA GLN C 180 1.91 32.43 25.06
C GLN C 180 3.35 31.95 24.87
N ASN C 181 4.29 32.89 24.94
CA ASN C 181 5.72 32.63 24.73
C ASN C 181 6.34 31.91 25.91
N GLY C 182 7.22 30.95 25.61
CA GLY C 182 7.98 30.17 26.58
C GLY C 182 7.21 29.05 27.26
N VAL C 183 6.05 28.66 26.69
CA VAL C 183 5.15 27.62 27.19
C VAL C 183 5.39 26.26 26.52
N LEU C 184 5.73 25.26 27.33
CA LEU C 184 5.94 23.86 26.93
C LEU C 184 4.89 23.06 27.69
N ASN C 185 4.10 22.26 26.96
CA ASN C 185 3.04 21.42 27.49
C ASN C 185 3.32 19.96 27.18
N SER C 186 2.97 19.10 28.13
CA SER C 186 3.10 17.66 28.01
C SER C 186 1.81 17.05 28.55
N TRP C 187 1.34 16.05 27.85
CA TRP C 187 0.09 15.39 28.16
C TRP C 187 0.30 13.87 28.25
N THR C 188 -0.15 13.25 29.36
CA THR C 188 -0.09 11.80 29.50
C THR C 188 -1.24 11.16 28.64
N ASP C 189 -1.13 9.86 28.35
CA ASP C 189 -2.17 9.11 27.64
C ASP C 189 -3.22 8.73 28.68
N GLN C 190 -4.36 8.17 28.25
CA GLN C 190 -5.40 7.74 29.18
C GLN C 190 -4.79 6.74 30.18
N ASP C 191 -4.97 7.01 31.47
CA ASP C 191 -4.40 6.14 32.51
C ASP C 191 -5.00 4.71 32.41
N SER C 192 -4.14 3.69 32.55
CA SER C 192 -4.49 2.26 32.46
C SER C 192 -5.42 1.81 33.56
N LYS C 193 -5.19 2.29 34.82
CA LYS C 193 -5.95 1.94 36.02
C LYS C 193 -7.16 2.85 36.37
N ASP C 194 -7.05 4.17 36.14
CA ASP C 194 -8.14 5.10 36.48
C ASP C 194 -8.85 5.79 35.30
N SER C 195 -8.34 5.60 34.07
CA SER C 195 -8.91 6.16 32.83
C SER C 195 -8.92 7.71 32.74
N THR C 196 -8.19 8.40 33.64
CA THR C 196 -8.12 9.88 33.60
C THR C 196 -6.93 10.36 32.74
N TYR C 197 -6.79 11.67 32.62
CA TYR C 197 -5.71 12.31 31.87
C TYR C 197 -5.01 13.28 32.81
N SER C 198 -3.77 13.63 32.50
CA SER C 198 -3.00 14.60 33.26
C SER C 198 -2.19 15.39 32.30
N MET C 199 -1.82 16.60 32.71
CA MET C 199 -1.07 17.54 31.90
C MET C 199 -0.10 18.32 32.76
N SER C 200 1.06 18.66 32.19
CA SER C 200 2.10 19.48 32.76
C SER C 200 2.30 20.68 31.85
N SER C 201 2.29 21.90 32.41
CA SER C 201 2.54 23.12 31.66
C SER C 201 3.69 23.90 32.32
N THR C 202 4.74 24.21 31.53
CA THR C 202 5.91 24.94 31.99
C THR C 202 6.09 26.27 31.27
N LEU C 203 6.08 27.36 32.03
CA LEU C 203 6.34 28.68 31.49
C LEU C 203 7.78 29.00 31.86
N THR C 204 8.66 29.16 30.87
CA THR C 204 10.08 29.44 31.14
C THR C 204 10.46 30.85 30.76
N LEU C 205 10.98 31.60 31.74
CA LEU C 205 11.48 32.95 31.58
C LEU C 205 12.91 32.94 32.08
N THR C 206 13.66 34.02 31.83
CA THR C 206 14.98 34.14 32.45
C THR C 206 14.74 34.70 33.88
N LYS C 207 15.72 34.59 34.78
CA LYS C 207 15.62 35.15 36.13
C LYS C 207 15.36 36.70 35.99
N ASP C 208 16.06 37.36 35.05
CA ASP C 208 15.95 38.80 34.76
C ASP C 208 14.49 39.23 34.54
N GLU C 209 13.78 38.50 33.70
CA GLU C 209 12.36 38.70 33.38
C GLU C 209 11.46 38.37 34.55
N TYR C 210 11.69 37.19 35.16
CA TYR C 210 10.94 36.73 36.33
C TYR C 210 10.93 37.74 37.49
N GLU C 211 12.10 38.34 37.82
CA GLU C 211 12.25 39.34 38.88
C GLU C 211 11.63 40.70 38.53
N ARG C 212 10.95 40.81 37.38
CA ARG C 212 10.32 42.07 36.97
C ARG C 212 8.81 42.07 37.05
N HIS C 213 8.23 40.92 37.41
CA HIS C 213 6.79 40.69 37.53
C HIS C 213 6.46 40.11 38.89
N ASN C 214 5.21 40.29 39.34
CA ASN C 214 4.84 39.80 40.66
C ASN C 214 3.84 38.64 40.68
N SER C 215 2.79 38.73 39.89
CA SER C 215 1.70 37.77 39.84
C SER C 215 1.87 36.75 38.71
N TYR C 216 1.84 35.45 39.06
CA TYR C 216 1.97 34.34 38.11
C TYR C 216 0.79 33.43 38.20
N THR C 217 0.06 33.28 37.09
CA THR C 217 -1.14 32.47 37.12
C THR C 217 -1.31 31.46 35.99
N CYS C 218 -1.89 30.27 36.32
CA CYS C 218 -2.29 29.31 35.31
C CYS C 218 -3.77 29.04 35.45
N GLU C 219 -4.49 29.22 34.34
CA GLU C 219 -5.94 29.08 34.28
C GLU C 219 -6.29 27.87 33.42
N ALA C 220 -7.13 26.99 33.96
CA ALA C 220 -7.58 25.80 33.25
C ALA C 220 -9.05 25.90 32.88
N THR C 221 -9.35 25.72 31.58
CA THR C 221 -10.71 25.68 31.02
C THR C 221 -11.01 24.21 30.69
N HIS C 222 -12.05 23.65 31.30
CA HIS C 222 -12.43 22.23 31.15
C HIS C 222 -13.95 22.13 31.29
N LYS C 223 -14.61 21.24 30.53
CA LYS C 223 -16.07 21.05 30.57
C LYS C 223 -16.74 20.93 31.96
N THR C 224 -15.97 20.48 32.98
CA THR C 224 -16.45 20.34 34.36
C THR C 224 -16.88 21.64 35.03
N SER C 225 -16.49 22.80 34.47
CA SER C 225 -16.88 24.11 34.99
C SER C 225 -16.78 25.17 33.89
N THR C 226 -17.79 26.09 33.81
CA THR C 226 -17.80 27.20 32.82
C THR C 226 -16.70 28.22 33.19
N SER C 227 -16.52 28.42 34.51
CA SER C 227 -15.47 29.29 35.04
C SER C 227 -14.14 28.51 35.15
N PRO C 228 -13.01 29.14 34.78
CA PRO C 228 -11.73 28.42 34.87
C PRO C 228 -11.21 28.14 36.29
N ILE C 229 -10.32 27.13 36.39
CA ILE C 229 -9.63 26.81 37.65
C ILE C 229 -8.35 27.66 37.60
N VAL C 230 -8.22 28.58 38.54
CA VAL C 230 -7.10 29.51 38.63
C VAL C 230 -6.21 29.18 39.85
N LYS C 231 -4.90 29.07 39.62
CA LYS C 231 -3.87 28.87 40.63
C LYS C 231 -2.83 29.93 40.37
N SER C 232 -2.54 30.73 41.39
CA SER C 232 -1.63 31.85 41.34
C SER C 232 -0.76 31.89 42.54
N PHE C 233 0.27 32.72 42.46
CA PHE C 233 1.16 33.07 43.55
C PHE C 233 1.71 34.45 43.20
N ASN C 234 2.12 35.19 44.23
CA ASN C 234 2.77 36.47 44.06
C ASN C 234 4.22 36.22 44.39
N ARG C 235 5.15 36.69 43.54
CA ARG C 235 6.59 36.54 43.75
C ARG C 235 6.98 37.19 45.09
N ASN C 236 7.63 36.40 45.97
CA ASN C 236 8.09 36.81 47.30
C ASN C 236 6.94 37.04 48.32
N GLU C 237 5.89 36.18 48.28
CA GLU C 237 4.74 36.25 49.18
C GLU C 237 4.32 34.87 49.64
#